data_4H9M
#
_entry.id   4H9M
#
_cell.length_a   140.391
_cell.length_b   140.391
_cell.length_c   198.747
_cell.angle_alpha   90.00
_cell.angle_beta   90.00
_cell.angle_gamma   120.00
#
_symmetry.space_group_name_H-M   'P 63 2 2'
#
loop_
_entity.id
_entity.type
_entity.pdbx_description
1 polymer Urease
2 non-polymer 'NICKEL (II) ION'
3 non-polymer 1,2-ETHANEDIOL
4 non-polymer 'ACETOHYDROXAMIC ACID'
5 water water
#
_entity_poly.entity_id   1
_entity_poly.type   'polypeptide(L)'
_entity_poly.pdbx_seq_one_letter_code
;MKLSPREVEKLGLHNAGYLAQKRLARGVRLNYTEAVALIASQIMEYARDGEKTVAQLM(CME)LGQHLLGRRQVLPAVPH
LLNAVQVEATFPDGTKLVTVHDPISRENGELQEALFGSLLPVPSLDKFAETKEDNRIPGEIL(CME)EDE(CME)LTLNI
GRKAVILKVTSKGDRPIQVGSHYHFIEVNPYLTFDRRKAYGMRLNIAAGTAVRFEPGD(CME)KSVTLVSIEGNKVIRGG
NAIADGPVNETNLEAAMHAVRS(KCX)GFGHEEEKDASEGFTKEDPNCPFNTFIHRKEYANKYGPTTGDKIRLGDTNLLA
EIEKDYALYGDECVFGGGKVIRDGMGQS(CME)GHPPAISLDTVITNAVIIDYTGIIKADIGIKDGLIASIGKAGNPDIM
NGVFSNMIIGANTEVIAGEGLIVTAGAIDCHVHYICPQLVYEAISSGITTLVGGGTGPAAGTRATTCTPSPTQMRLMLQS
TDDLPLNFGFTGKGSSSKPDELHEIIKAGAMGL(KCX)LHEDWGSTPAAIDNCLTIAEHHDIQINIHTDTLNEAGFVEHS
IAAFKGRTIHTYHSEGAGGGHAPDIIKVCGIKNVLPSSTNPTRPLTSNTIDEHLDMLMV(CME)HHLDREIPEDLAFAHS
RIRKKTIAAEDVLNDIGAISIISSDSQAMGRVGEVISRTWQTADKMKAQTGPLKCDSSDNDNFRIRRYIAKYTINPAIAN
GFSQYVGSVEVGKLADLVMWKPSFFGTKPEMVIKGGMVAWADIGDPNASIPTPEPVKMRPMYGTLGKAGGALSIAFVSKA
ALDQRVNVLYGLNKRVEAVSNVRKLTKLDMKLNDALPEITVDPESYTVKADGKLLCVSEATTVPLSRNYFLF
;
_entity_poly.pdbx_strand_id   A
#
loop_
_chem_comp.id
_chem_comp.type
_chem_comp.name
_chem_comp.formula
EDO non-polymer 1,2-ETHANEDIOL 'C2 H6 O2'
HAE non-polymer 'ACETOHYDROXAMIC ACID' 'C2 H5 N O2'
NI non-polymer 'NICKEL (II) ION' 'Ni 2'
#
# COMPACT_ATOMS: atom_id res chain seq x y z
N MET A 1 -1.24 35.39 20.61
CA MET A 1 -2.34 34.39 20.54
C MET A 1 -2.05 33.15 21.38
N LYS A 2 -0.77 32.88 21.60
CA LYS A 2 -0.32 31.68 22.33
C LYS A 2 -0.91 30.40 21.73
N LEU A 3 -0.79 30.25 20.41
CA LEU A 3 -1.38 29.11 19.73
C LEU A 3 -0.64 27.82 20.02
N SER A 4 -1.40 26.81 20.45
CA SER A 4 -0.89 25.45 20.62
C SER A 4 -0.87 24.78 19.25
N PRO A 5 -0.10 23.67 19.10
CA PRO A 5 -0.07 23.02 17.79
C PRO A 5 -1.45 22.66 17.25
N ARG A 6 -2.34 22.14 18.12
CA ARG A 6 -3.69 21.75 17.69
C ARG A 6 -4.54 22.91 17.18
N GLU A 7 -4.36 24.10 17.77
CA GLU A 7 -5.07 25.29 17.28
C GLU A 7 -4.63 25.68 15.88
N VAL A 8 -3.33 25.58 15.61
CA VAL A 8 -2.77 25.83 14.28
C VAL A 8 -3.37 24.83 13.29
N GLU A 9 -3.45 23.57 13.71
CA GLU A 9 -3.97 22.50 12.87
CA GLU A 9 -3.96 22.51 12.85
C GLU A 9 -5.45 22.65 12.57
N LYS A 10 -6.23 22.99 13.60
CA LYS A 10 -7.67 23.15 13.42
C LYS A 10 -7.99 24.35 12.52
N LEU A 11 -7.14 25.37 12.55
CA LEU A 11 -7.27 26.50 11.63
C LEU A 11 -7.13 26.04 10.19
N GLY A 12 -6.14 25.18 9.94
CA GLY A 12 -5.95 24.56 8.62
C GLY A 12 -7.19 23.78 8.20
N LEU A 13 -7.72 22.98 9.11
CA LEU A 13 -8.95 22.23 8.83
C LEU A 13 -10.10 23.17 8.46
N HIS A 14 -10.27 24.24 9.25
CA HIS A 14 -11.31 25.22 8.98
C HIS A 14 -11.14 25.85 7.59
N ASN A 15 -9.91 26.15 7.21
CA ASN A 15 -9.61 26.70 5.89
C ASN A 15 -10.02 25.75 4.76
N ALA A 16 -9.75 24.45 4.95
CA ALA A 16 -10.19 23.43 3.99
C ALA A 16 -11.72 23.39 3.92
N GLY A 17 -12.37 23.49 5.07
CA GLY A 17 -13.82 23.55 5.15
C GLY A 17 -14.40 24.74 4.39
N TYR A 18 -13.75 25.89 4.53
CA TYR A 18 -14.20 27.12 3.86
C TYR A 18 -14.04 27.04 2.34
N LEU A 19 -12.95 26.43 1.90
CA LEU A 19 -12.76 26.12 0.49
C LEU A 19 -13.92 25.27 -0.03
N ALA A 20 -14.25 24.22 0.73
CA ALA A 20 -15.37 23.35 0.37
C ALA A 20 -16.71 24.12 0.37
N GLN A 21 -16.86 25.04 1.29
CA GLN A 21 -18.07 25.86 1.37
C GLN A 21 -18.21 26.80 0.18
N LYS A 22 -17.12 27.45 -0.23
CA LYS A 22 -17.13 28.31 -1.42
C LYS A 22 -17.51 27.48 -2.65
N ARG A 23 -16.90 26.31 -2.79
CA ARG A 23 -17.20 25.41 -3.92
C ARG A 23 -18.67 24.99 -3.93
N LEU A 24 -19.17 24.57 -2.77
CA LEU A 24 -20.60 24.25 -2.62
C LEU A 24 -21.50 25.42 -3.02
N ALA A 25 -21.12 26.63 -2.62
CA ALA A 25 -21.90 27.84 -2.88
C ALA A 25 -22.04 28.18 -4.37
N ARG A 26 -21.10 27.73 -5.20
CA ARG A 26 -21.22 27.92 -6.65
C ARG A 26 -21.83 26.71 -7.38
N GLY A 27 -22.21 25.69 -6.62
CA GLY A 27 -22.86 24.50 -7.18
C GLY A 27 -21.96 23.31 -7.48
N VAL A 28 -20.74 23.32 -6.94
CA VAL A 28 -19.83 22.18 -7.09
C VAL A 28 -20.35 20.98 -6.31
N ARG A 29 -20.42 19.82 -6.96
CA ARG A 29 -20.65 18.57 -6.25
C ARG A 29 -19.34 18.12 -5.61
N LEU A 30 -19.30 18.16 -4.28
CA LEU A 30 -18.06 17.95 -3.53
C LEU A 30 -17.57 16.50 -3.58
N ASN A 31 -16.25 16.34 -3.61
CA ASN A 31 -15.66 15.01 -3.49
C ASN A 31 -15.53 14.60 -2.03
N TYR A 32 -15.10 13.37 -1.80
CA TYR A 32 -14.96 12.82 -0.45
C TYR A 32 -14.17 13.75 0.48
N THR A 33 -13.02 14.22 0.00
CA THR A 33 -12.09 15.01 0.79
C THR A 33 -12.71 16.35 1.21
N GLU A 34 -13.37 17.02 0.26
CA GLU A 34 -14.08 18.27 0.52
C GLU A 34 -15.25 18.09 1.49
N ALA A 35 -15.98 16.99 1.33
CA ALA A 35 -17.11 16.69 2.21
C ALA A 35 -16.68 16.50 3.66
N VAL A 36 -15.57 15.79 3.87
CA VAL A 36 -15.04 15.59 5.22
C VAL A 36 -14.65 16.93 5.84
N ALA A 37 -13.92 17.75 5.07
CA ALA A 37 -13.49 19.06 5.53
C ALA A 37 -14.66 19.95 5.95
N LEU A 38 -15.70 20.00 5.11
CA LEU A 38 -16.86 20.83 5.40
C LEU A 38 -17.61 20.36 6.65
N ILE A 39 -17.91 19.06 6.72
CA ILE A 39 -18.68 18.54 7.86
C ILE A 39 -17.92 18.72 9.17
N ALA A 40 -16.63 18.38 9.18
CA ALA A 40 -15.81 18.53 10.39
C ALA A 40 -15.72 19.99 10.82
N SER A 41 -15.51 20.90 9.86
CA SER A 41 -15.41 22.32 10.16
CA SER A 41 -15.41 22.33 10.15
C SER A 41 -16.72 22.87 10.73
N GLN A 42 -17.85 22.42 10.18
CA GLN A 42 -19.15 22.86 10.67
C GLN A 42 -19.42 22.41 12.10
N ILE A 43 -19.03 21.18 12.43
CA ILE A 43 -19.19 20.70 13.80
C ILE A 43 -18.36 21.58 14.77
N MET A 44 -17.13 21.91 14.39
CA MET A 44 -16.30 22.81 15.21
C MET A 44 -16.97 24.17 15.40
N GLU A 45 -17.58 24.69 14.33
CA GLU A 45 -18.17 26.02 14.37
C GLU A 45 -19.42 26.07 15.24
N TYR A 46 -20.27 25.05 15.14
CA TYR A 46 -21.41 24.93 16.03
C TYR A 46 -20.98 24.74 17.49
N ALA A 47 -19.88 24.03 17.72
CA ALA A 47 -19.31 23.92 19.07
C ALA A 47 -18.91 25.30 19.63
N ARG A 48 -18.32 26.13 18.78
CA ARG A 48 -17.90 27.49 19.14
C ARG A 48 -19.10 28.36 19.57
N ASP A 49 -20.24 28.15 18.92
CA ASP A 49 -21.45 28.94 19.18
C ASP A 49 -22.06 28.59 20.55
N GLY A 50 -21.85 27.35 21.00
CA GLY A 50 -22.19 26.93 22.35
C GLY A 50 -23.65 26.68 22.66
N GLU A 51 -24.47 26.54 21.61
CA GLU A 51 -25.92 26.34 21.75
CA GLU A 51 -25.91 26.34 21.78
C GLU A 51 -26.34 24.90 21.45
N LYS A 52 -25.38 24.07 21.05
CA LYS A 52 -25.71 22.69 20.67
C LYS A 52 -24.87 21.63 21.38
N THR A 53 -25.53 20.56 21.80
CA THR A 53 -24.88 19.45 22.48
C THR A 53 -24.20 18.52 21.48
N VAL A 54 -23.35 17.63 21.99
CA VAL A 54 -22.76 16.55 21.19
C VAL A 54 -23.85 15.72 20.51
N ALA A 55 -24.87 15.32 21.27
CA ALA A 55 -26.00 14.55 20.73
C ALA A 55 -26.70 15.29 19.58
N GLN A 56 -26.94 16.58 19.77
CA GLN A 56 -27.56 17.41 18.72
C GLN A 56 -26.71 17.49 17.46
N LEU A 57 -25.40 17.59 17.62
CA LEU A 57 -24.49 17.72 16.47
C LEU A 57 -24.30 16.40 15.71
N MET A 58 -24.48 15.27 16.41
CA MET A 58 -24.50 13.97 15.75
C MET A 58 -25.64 13.92 14.74
N CME A 59 -26.74 14.58 15.08
CA CME A 59 -27.93 14.66 14.23
CA CME A 59 -27.91 14.64 14.21
CB CME A 59 -29.09 15.04 15.13
CB CME A 59 -29.19 14.86 15.01
SG CME A 59 -30.60 14.99 14.24
SG CME A 59 -29.57 13.43 15.98
SD CME A 59 -30.84 13.15 13.52
SD CME A 59 -29.93 11.85 14.79
CE CME A 59 -30.45 12.26 14.99
CE CME A 59 -28.29 11.20 14.74
CZ CME A 59 -29.13 11.53 14.82
CZ CME A 59 -27.85 10.79 16.14
OH CME A 59 -29.36 10.12 14.75
OH CME A 59 -28.75 9.82 16.67
C CME A 59 -27.75 15.69 13.14
O CME A 59 -27.95 15.41 11.97
N LEU A 60 -27.38 16.90 13.55
CA LEU A 60 -27.19 18.03 12.61
C LEU A 60 -26.20 17.71 11.50
N GLY A 61 -25.12 17.01 11.84
CA GLY A 61 -24.09 16.64 10.86
C GLY A 61 -24.60 15.81 9.70
N GLN A 62 -25.72 15.10 9.92
CA GLN A 62 -26.31 14.24 8.89
C GLN A 62 -27.20 15.03 7.94
N HIS A 63 -27.37 16.31 8.21
CA HIS A 63 -28.30 17.14 7.43
C HIS A 63 -27.60 18.17 6.54
N LEU A 64 -26.26 18.20 6.60
CA LEU A 64 -25.50 19.25 5.93
C LEU A 64 -25.41 19.07 4.42
N LEU A 65 -25.03 17.87 3.99
CA LEU A 65 -24.85 17.58 2.57
C LEU A 65 -25.72 16.42 2.12
N GLY A 66 -26.45 16.63 1.03
CA GLY A 66 -27.26 15.58 0.43
C GLY A 66 -26.53 14.90 -0.70
N ARG A 67 -27.12 13.83 -1.23
CA ARG A 67 -26.56 13.08 -2.35
C ARG A 67 -26.31 13.97 -3.58
N ARG A 68 -27.17 14.97 -3.77
CA ARG A 68 -27.05 15.87 -4.92
C ARG A 68 -25.90 16.88 -4.81
N GLN A 69 -25.41 17.09 -3.59
CA GLN A 69 -24.33 18.05 -3.35
C GLN A 69 -22.93 17.41 -3.34
N VAL A 70 -22.89 16.09 -3.53
CA VAL A 70 -21.62 15.36 -3.54
C VAL A 70 -21.53 14.44 -4.76
N LEU A 71 -20.31 14.01 -5.07
CA LEU A 71 -20.07 13.09 -6.19
C LEU A 71 -20.70 11.72 -5.90
N PRO A 72 -21.03 10.95 -6.96
CA PRO A 72 -21.70 9.65 -6.79
C PRO A 72 -21.03 8.69 -5.80
N ALA A 73 -19.70 8.69 -5.74
CA ALA A 73 -18.97 7.77 -4.87
C ALA A 73 -19.00 8.16 -3.39
N VAL A 74 -19.28 9.42 -3.10
CA VAL A 74 -19.15 9.95 -1.73
C VAL A 74 -20.04 9.25 -0.68
N PRO A 75 -21.33 9.00 -0.98
CA PRO A 75 -22.12 8.26 0.01
C PRO A 75 -21.52 6.89 0.36
N HIS A 76 -20.82 6.26 -0.60
CA HIS A 76 -20.13 4.99 -0.37
C HIS A 76 -18.86 5.14 0.45
N LEU A 77 -18.04 6.13 0.08
CA LEU A 77 -16.74 6.34 0.72
C LEU A 77 -16.87 6.90 2.14
N LEU A 78 -17.95 7.63 2.40
CA LEU A 78 -18.08 8.39 3.65
C LEU A 78 -18.97 7.70 4.69
N ASN A 79 -18.34 6.89 5.54
CA ASN A 79 -19.05 6.17 6.59
C ASN A 79 -19.22 6.99 7.86
N ALA A 80 -18.27 7.89 8.10
CA ALA A 80 -18.29 8.75 9.29
C ALA A 80 -17.36 9.94 9.14
N VAL A 81 -17.67 11.01 9.88
CA VAL A 81 -16.78 12.18 10.04
CA VAL A 81 -16.75 12.14 10.04
C VAL A 81 -16.61 12.44 11.53
N GLN A 82 -15.37 12.55 11.97
CA GLN A 82 -15.07 12.79 13.37
C GLN A 82 -14.23 14.04 13.56
N VAL A 83 -14.53 14.79 14.62
CA VAL A 83 -13.74 15.96 15.00
C VAL A 83 -13.96 16.28 16.49
N GLU A 84 -12.95 16.89 17.09
CA GLU A 84 -13.05 17.40 18.46
C GLU A 84 -12.99 18.91 18.46
N ALA A 85 -13.73 19.52 19.39
CA ALA A 85 -13.78 20.98 19.52
C ALA A 85 -14.04 21.38 20.96
N THR A 86 -13.76 22.63 21.28
CA THR A 86 -13.99 23.16 22.61
C THR A 86 -15.44 23.61 22.76
N PHE A 87 -16.22 22.82 23.50
CA PHE A 87 -17.60 23.16 23.87
C PHE A 87 -17.56 24.02 25.14
N PRO A 88 -18.72 24.56 25.57
CA PRO A 88 -18.72 25.25 26.86
C PRO A 88 -18.26 24.38 28.03
N ASP A 89 -18.40 23.07 27.90
CA ASP A 89 -17.93 22.13 28.91
C ASP A 89 -16.63 21.41 28.53
N GLY A 90 -15.81 22.05 27.71
CA GLY A 90 -14.48 21.55 27.35
C GLY A 90 -14.43 20.79 26.04
N THR A 91 -13.28 20.16 25.77
CA THR A 91 -13.10 19.40 24.53
C THR A 91 -13.99 18.17 24.52
N LYS A 92 -14.75 18.02 23.44
CA LYS A 92 -15.55 16.80 23.21
C LYS A 92 -15.40 16.28 21.78
N LEU A 93 -15.51 14.96 21.63
CA LEU A 93 -15.53 14.30 20.33
C LEU A 93 -16.96 14.15 19.81
N VAL A 94 -17.15 14.53 18.55
CA VAL A 94 -18.40 14.27 17.83
C VAL A 94 -18.10 13.33 16.66
N THR A 95 -18.85 12.23 16.57
CA THR A 95 -18.86 11.40 15.38
C THR A 95 -20.20 11.56 14.67
N VAL A 96 -20.13 12.01 13.42
CA VAL A 96 -21.31 12.06 12.56
C VAL A 96 -21.34 10.76 11.75
N HIS A 97 -22.35 9.93 12.03
CA HIS A 97 -22.49 8.63 11.37
C HIS A 97 -23.23 8.78 10.06
N ASP A 98 -22.72 8.13 9.01
CA ASP A 98 -23.37 8.11 7.67
C ASP A 98 -23.95 9.47 7.27
N PRO A 99 -23.08 10.48 7.11
CA PRO A 99 -23.55 11.86 6.96
C PRO A 99 -24.40 12.18 5.71
N ILE A 100 -24.19 11.46 4.62
CA ILE A 100 -24.97 11.68 3.41
C ILE A 100 -26.20 10.78 3.43
N SER A 101 -27.28 11.28 4.04
CA SER A 101 -28.48 10.48 4.32
CA SER A 101 -28.47 10.46 4.29
C SER A 101 -29.73 10.98 3.60
N ARG A 102 -29.62 12.12 2.94
CA ARG A 102 -30.76 12.74 2.27
CA ARG A 102 -30.77 12.73 2.27
C ARG A 102 -30.42 13.11 0.83
N GLU A 103 -31.44 13.39 0.03
CA GLU A 103 -31.26 13.81 -1.35
C GLU A 103 -30.62 15.20 -1.43
N ASN A 104 -31.15 16.12 -0.63
CA ASN A 104 -30.63 17.49 -0.54
C ASN A 104 -30.37 17.87 0.90
N GLY A 105 -29.22 18.50 1.13
CA GLY A 105 -28.86 18.96 2.46
C GLY A 105 -29.53 20.26 2.84
N GLU A 106 -29.46 20.59 4.13
CA GLU A 106 -29.93 21.87 4.65
C GLU A 106 -28.76 22.83 4.47
N LEU A 107 -28.72 23.49 3.31
CA LEU A 107 -27.52 24.22 2.90
C LEU A 107 -27.24 25.48 3.71
N GLN A 108 -28.25 26.03 4.37
CA GLN A 108 -28.03 27.10 5.34
C GLN A 108 -27.15 26.60 6.49
N GLU A 109 -27.35 25.36 6.91
CA GLU A 109 -26.51 24.75 7.95
C GLU A 109 -25.12 24.37 7.43
N ALA A 110 -25.05 23.88 6.19
CA ALA A 110 -23.76 23.59 5.55
C ALA A 110 -22.88 24.84 5.43
N LEU A 111 -23.53 26.00 5.29
CA LEU A 111 -22.82 27.27 5.11
C LEU A 111 -22.83 28.15 6.36
N PHE A 112 -23.35 27.62 7.46
CA PHE A 112 -23.40 28.37 8.71
C PHE A 112 -22.02 28.92 9.09
N GLY A 113 -21.98 30.20 9.43
CA GLY A 113 -20.74 30.86 9.85
C GLY A 113 -19.86 31.37 8.73
N SER A 114 -20.20 31.05 7.49
CA SER A 114 -19.35 31.39 6.33
C SER A 114 -19.67 32.75 5.73
N LEU A 115 -20.87 33.26 6.00
CA LEU A 115 -21.40 34.48 5.38
C LEU A 115 -21.53 34.40 3.86
N LEU A 116 -21.49 33.18 3.32
CA LEU A 116 -21.65 32.96 1.88
C LEU A 116 -23.14 32.85 1.53
N PRO A 117 -23.53 33.32 0.33
CA PRO A 117 -24.93 33.15 -0.10
C PRO A 117 -25.29 31.68 -0.27
N VAL A 118 -26.48 31.30 0.18
CA VAL A 118 -26.95 29.93 0.07
C VAL A 118 -27.48 29.69 -1.35
N PRO A 119 -26.90 28.71 -2.07
CA PRO A 119 -27.32 28.47 -3.45
C PRO A 119 -28.64 27.72 -3.54
N SER A 120 -29.41 28.03 -4.59
CA SER A 120 -30.62 27.26 -4.88
CA SER A 120 -30.61 27.27 -4.91
C SER A 120 -30.23 25.83 -5.23
N LEU A 121 -31.12 24.89 -4.91
CA LEU A 121 -30.83 23.47 -5.12
C LEU A 121 -30.68 23.06 -6.58
N ASP A 122 -31.20 23.88 -7.51
CA ASP A 122 -31.07 23.58 -8.93
C ASP A 122 -29.66 23.84 -9.49
N LYS A 123 -28.79 24.44 -8.68
CA LYS A 123 -27.41 24.71 -9.06
C LYS A 123 -26.54 23.45 -9.17
N PHE A 124 -27.04 22.34 -8.61
CA PHE A 124 -26.31 21.08 -8.62
C PHE A 124 -26.78 20.17 -9.74
N ALA A 125 -26.01 20.12 -10.82
CA ALA A 125 -26.36 19.35 -12.02
C ALA A 125 -26.01 17.87 -11.88
N GLU A 126 -26.73 17.03 -12.61
CA GLU A 126 -26.51 15.58 -12.59
C GLU A 126 -25.20 15.23 -13.29
N ASN A 131 -23.66 3.49 -10.76
CA ASN A 131 -22.36 4.11 -10.54
C ASN A 131 -21.37 3.20 -9.79
N ARG A 132 -20.09 3.51 -9.92
CA ARG A 132 -19.02 2.68 -9.38
C ARG A 132 -18.84 2.80 -7.87
N ILE A 133 -18.70 1.66 -7.20
CA ILE A 133 -18.42 1.64 -5.76
C ILE A 133 -16.92 1.37 -5.58
N PRO A 134 -16.14 2.41 -5.22
CA PRO A 134 -14.70 2.21 -5.05
C PRO A 134 -14.40 1.18 -3.97
N GLY A 135 -13.48 0.26 -4.27
CA GLY A 135 -13.03 -0.75 -3.31
C GLY A 135 -14.03 -1.81 -2.94
N GLU A 136 -15.11 -1.94 -3.72
CA GLU A 136 -16.16 -2.90 -3.39
C GLU A 136 -15.67 -4.35 -3.38
N ILE A 137 -16.26 -5.15 -2.50
CA ILE A 137 -15.98 -6.57 -2.44
C ILE A 137 -17.14 -7.31 -3.12
N LEU A 138 -16.79 -8.19 -4.05
CA LEU A 138 -17.77 -9.06 -4.70
C LEU A 138 -17.58 -10.48 -4.21
N CME A 139 -18.67 -11.14 -3.85
CA CME A 139 -18.62 -12.52 -3.37
CB CME A 139 -18.40 -12.59 -1.86
SG CME A 139 -19.77 -11.97 -0.93
SD CME A 139 -19.47 -10.04 -0.53
CE CME A 139 -20.61 -9.37 -1.68
CZ CME A 139 -21.88 -8.93 -0.96
OH CME A 139 -22.80 -10.03 -0.90
C CME A 139 -19.82 -13.32 -3.77
O CME A 139 -20.89 -12.76 -4.02
N GLU A 140 -19.65 -14.64 -3.84
CA GLU A 140 -20.76 -15.55 -4.08
C GLU A 140 -21.73 -15.54 -2.90
N ASP A 141 -23.00 -15.76 -3.18
CA ASP A 141 -23.99 -15.76 -2.16
C ASP A 141 -24.03 -17.13 -1.49
N GLU A 142 -23.15 -17.36 -0.53
CA GLU A 142 -23.03 -18.64 0.08
C GLU A 142 -22.34 -18.67 1.44
N CME A 143 -22.60 -19.74 2.38
CA CME A 143 -21.99 -19.48 3.65
CB CME A 143 -23.09 -19.77 4.65
SG CME A 143 -24.31 -18.47 4.71
SD CME A 143 -24.87 -18.25 6.58
CE CME A 143 -25.79 -19.75 6.56
CZ CME A 143 -26.23 -19.95 5.12
OH CME A 143 -25.24 -20.45 4.21
C CME A 143 -20.77 -20.32 3.86
O CME A 143 -20.58 -21.24 3.13
N LEU A 144 -19.93 -19.96 4.81
CA LEU A 144 -18.80 -20.86 5.02
C LEU A 144 -18.89 -21.54 6.39
N THR A 145 -18.48 -22.81 6.44
CA THR A 145 -18.51 -23.57 7.68
C THR A 145 -17.23 -23.36 8.47
N LEU A 146 -17.38 -23.06 9.76
CA LEU A 146 -16.24 -22.83 10.64
C LEU A 146 -15.78 -24.12 11.31
N ASN A 147 -14.49 -24.17 11.64
CA ASN A 147 -13.95 -25.16 12.57
C ASN A 147 -14.31 -26.61 12.26
N ILE A 148 -14.23 -26.99 10.98
CA ILE A 148 -14.59 -28.36 10.55
C ILE A 148 -13.59 -29.41 11.04
N GLY A 149 -14.07 -30.64 11.20
CA GLY A 149 -13.23 -31.77 11.58
C GLY A 149 -12.82 -31.80 13.04
N ARG A 150 -13.67 -31.29 13.91
CA ARG A 150 -13.38 -31.22 15.33
C ARG A 150 -14.45 -31.93 16.16
N LYS A 151 -14.08 -32.46 17.31
CA LYS A 151 -15.06 -32.96 18.28
C LYS A 151 -15.92 -31.79 18.75
N ALA A 152 -17.20 -32.06 18.95
CA ALA A 152 -18.15 -31.02 19.36
C ALA A 152 -19.09 -31.49 20.47
N VAL A 153 -19.55 -30.53 21.27
CA VAL A 153 -20.54 -30.77 22.32
C VAL A 153 -21.43 -29.53 22.49
N ILE A 154 -22.70 -29.76 22.81
CA ILE A 154 -23.63 -28.67 23.15
C ILE A 154 -23.92 -28.72 24.65
N LEU A 155 -23.63 -27.61 25.35
CA LEU A 155 -23.82 -27.54 26.80
C LEU A 155 -24.71 -26.39 27.24
N LYS A 156 -25.55 -26.65 28.25
CA LYS A 156 -26.34 -25.61 28.89
C LYS A 156 -25.47 -24.89 29.91
N VAL A 157 -25.39 -23.56 29.78
CA VAL A 157 -24.56 -22.73 30.66
C VAL A 157 -25.43 -21.72 31.40
N THR A 158 -25.41 -21.80 32.73
CA THR A 158 -26.19 -20.91 33.58
C THR A 158 -25.29 -19.98 34.39
N SER A 159 -25.63 -18.69 34.38
CA SER A 159 -24.95 -17.72 35.22
C SER A 159 -25.56 -17.65 36.62
N LYS A 160 -24.71 -17.85 37.62
CA LYS A 160 -25.10 -17.67 39.02
C LYS A 160 -24.48 -16.38 39.58
N GLY A 161 -23.97 -15.55 38.67
CA GLY A 161 -23.36 -14.27 39.05
C GLY A 161 -24.38 -13.14 39.10
N ASP A 162 -24.01 -12.04 39.75
CA ASP A 162 -24.87 -10.86 39.83
C ASP A 162 -24.40 -9.72 38.92
N ARG A 163 -23.38 -10.01 38.11
CA ARG A 163 -22.83 -9.06 37.14
C ARG A 163 -22.63 -9.80 35.80
N PRO A 164 -22.61 -9.08 34.66
CA PRO A 164 -22.54 -9.75 33.37
C PRO A 164 -21.20 -10.45 33.09
N ILE A 165 -21.27 -11.59 32.40
CA ILE A 165 -20.08 -12.38 32.04
C ILE A 165 -20.10 -12.62 30.53
N GLN A 166 -19.00 -12.27 29.87
CA GLN A 166 -18.89 -12.44 28.43
C GLN A 166 -17.64 -13.25 28.10
N VAL A 167 -17.78 -14.25 27.24
CA VAL A 167 -16.69 -15.19 26.95
C VAL A 167 -16.34 -15.21 25.46
N GLY A 168 -15.06 -15.02 25.16
CA GLY A 168 -14.57 -14.93 23.78
C GLY A 168 -14.39 -16.26 23.08
N SER A 169 -14.33 -16.20 21.75
CA SER A 169 -14.29 -17.39 20.88
C SER A 169 -13.18 -18.39 21.17
N HIS A 170 -12.02 -17.89 21.61
CA HIS A 170 -10.85 -18.75 21.80
C HIS A 170 -10.41 -18.92 23.24
N TYR A 171 -11.29 -18.53 24.16
CA TYR A 171 -11.05 -18.75 25.59
C TYR A 171 -11.28 -20.23 25.93
N HIS A 172 -10.35 -20.80 26.70
CA HIS A 172 -10.48 -22.19 27.14
C HIS A 172 -11.68 -22.30 28.07
N PHE A 173 -12.73 -23.01 27.65
CA PHE A 173 -14.02 -22.88 28.33
C PHE A 173 -14.07 -23.37 29.78
N ILE A 174 -13.24 -24.36 30.12
CA ILE A 174 -13.17 -24.82 31.51
C ILE A 174 -12.60 -23.73 32.46
N GLU A 175 -11.92 -22.73 31.88
CA GLU A 175 -11.25 -21.67 32.64
C GLU A 175 -12.14 -20.46 32.93
N VAL A 176 -13.41 -20.50 32.53
CA VAL A 176 -14.28 -19.33 32.70
C VAL A 176 -14.64 -19.05 34.16
N ASN A 177 -15.05 -17.80 34.40
CA ASN A 177 -15.60 -17.31 35.67
C ASN A 177 -16.44 -18.25 36.55
N PRO A 178 -15.96 -18.53 37.77
CA PRO A 178 -16.51 -19.62 38.60
C PRO A 178 -18.02 -19.47 38.78
N TYR A 179 -18.57 -18.30 38.46
CA TYR A 179 -20.01 -18.07 38.61
C TYR A 179 -20.84 -18.52 37.41
N LEU A 180 -20.19 -19.12 36.42
CA LEU A 180 -20.90 -19.88 35.39
C LEU A 180 -20.96 -21.35 35.81
N THR A 181 -22.14 -21.96 35.68
CA THR A 181 -22.31 -23.38 35.96
C THR A 181 -22.68 -24.13 34.70
N PHE A 182 -21.97 -25.24 34.47
CA PHE A 182 -22.16 -26.11 33.31
C PHE A 182 -21.34 -27.38 33.55
N ASP A 183 -21.33 -28.29 32.60
CA ASP A 183 -20.51 -29.49 32.70
C ASP A 183 -19.05 -29.15 32.36
N ARG A 184 -18.27 -28.88 33.41
CA ARG A 184 -16.85 -28.52 33.26
C ARG A 184 -16.02 -29.66 32.65
N ARG A 185 -16.40 -30.91 32.95
CA ARG A 185 -15.73 -32.08 32.39
C ARG A 185 -15.85 -32.13 30.87
N LYS A 186 -17.06 -31.92 30.37
CA LYS A 186 -17.31 -31.94 28.93
C LYS A 186 -16.74 -30.69 28.23
N ALA A 187 -16.49 -29.64 29.00
CA ALA A 187 -15.88 -28.41 28.47
C ALA A 187 -14.35 -28.46 28.38
N TYR A 188 -13.74 -29.45 29.04
CA TYR A 188 -12.29 -29.60 29.07
C TYR A 188 -11.71 -29.77 27.65
N GLY A 189 -10.74 -28.93 27.31
CA GLY A 189 -10.11 -28.97 25.99
C GLY A 189 -10.95 -28.40 24.87
N MET A 190 -12.03 -27.69 25.23
CA MET A 190 -12.96 -27.13 24.26
C MET A 190 -12.99 -25.61 24.30
N ARG A 191 -13.54 -25.02 23.24
CA ARG A 191 -13.76 -23.58 23.14
C ARG A 191 -15.03 -23.33 22.32
N LEU A 192 -15.53 -22.10 22.37
CA LEU A 192 -16.78 -21.76 21.67
C LEU A 192 -16.69 -21.90 20.15
N ASN A 193 -17.67 -22.58 19.55
CA ASN A 193 -17.77 -22.67 18.10
C ASN A 193 -18.53 -21.46 17.54
N ILE A 194 -17.85 -20.32 17.58
CA ILE A 194 -18.41 -19.05 17.10
C ILE A 194 -17.36 -18.34 16.26
N ALA A 195 -17.79 -17.40 15.41
CA ALA A 195 -16.87 -16.63 14.58
C ALA A 195 -15.68 -16.10 15.40
N ALA A 196 -14.47 -16.27 14.88
CA ALA A 196 -13.25 -15.84 15.57
C ALA A 196 -13.35 -14.37 15.99
N GLY A 197 -13.10 -14.12 17.28
CA GLY A 197 -13.12 -12.76 17.82
C GLY A 197 -14.46 -12.29 18.35
N THR A 198 -15.52 -13.08 18.15
CA THR A 198 -16.82 -12.75 18.75
C THR A 198 -16.92 -13.37 20.15
N ALA A 199 -18.01 -13.08 20.84
CA ALA A 199 -18.20 -13.54 22.21
C ALA A 199 -19.65 -13.91 22.51
N VAL A 200 -19.85 -14.72 23.54
CA VAL A 200 -21.20 -15.02 24.05
C VAL A 200 -21.38 -14.31 25.39
N ARG A 201 -22.50 -13.61 25.54
CA ARG A 201 -22.80 -12.83 26.73
C ARG A 201 -23.79 -13.57 27.64
N PHE A 202 -23.51 -13.55 28.94
CA PHE A 202 -24.39 -14.13 29.96
C PHE A 202 -24.78 -13.05 30.97
N GLU A 203 -26.04 -12.62 30.93
CA GLU A 203 -26.56 -11.71 31.96
C GLU A 203 -26.86 -12.52 33.23
N PRO A 204 -26.89 -11.86 34.41
CA PRO A 204 -27.17 -12.59 35.65
C PRO A 204 -28.42 -13.45 35.55
N GLY A 205 -28.30 -14.73 35.89
CA GLY A 205 -29.41 -15.66 35.86
C GLY A 205 -29.71 -16.30 34.51
N ASP A 206 -29.06 -15.82 33.46
CA ASP A 206 -29.23 -16.39 32.10
C ASP A 206 -28.87 -17.87 32.04
N CME A 207 -29.66 -18.65 31.31
CA CME A 207 -29.23 -19.97 30.83
CB CME A 207 -30.10 -21.14 31.30
SG CME A 207 -29.42 -22.73 30.86
SD CME A 207 -29.84 -23.15 28.94
CE CME A 207 -31.41 -23.92 29.13
CZ CME A 207 -32.51 -22.89 28.87
OH CME A 207 -32.98 -22.41 30.14
C CME A 207 -29.22 -19.90 29.33
O CME A 207 -30.19 -19.45 28.72
N LYS A 208 -28.12 -20.32 28.73
CA LYS A 208 -27.97 -20.40 27.27
C LYS A 208 -27.28 -21.69 26.90
N SER A 209 -27.73 -22.34 25.83
CA SER A 209 -27.01 -23.47 25.26
C SER A 209 -25.93 -22.94 24.34
N VAL A 210 -24.73 -23.50 24.46
CA VAL A 210 -23.61 -23.14 23.59
C VAL A 210 -23.01 -24.37 22.94
N THR A 211 -22.52 -24.20 21.70
CA THR A 211 -21.77 -25.24 21.01
C THR A 211 -20.28 -25.02 21.22
N LEU A 212 -19.60 -26.06 21.68
CA LEU A 212 -18.15 -26.03 21.85
C LEU A 212 -17.48 -26.99 20.88
N VAL A 213 -16.29 -26.60 20.41
CA VAL A 213 -15.43 -27.46 19.61
C VAL A 213 -14.09 -27.66 20.30
N SER A 214 -13.41 -28.75 19.98
CA SER A 214 -12.10 -29.04 20.55
CA SER A 214 -12.10 -29.06 20.54
C SER A 214 -11.04 -28.07 20.06
N ILE A 215 -10.11 -27.73 20.95
CA ILE A 215 -8.90 -27.02 20.53
C ILE A 215 -8.07 -28.02 19.72
N GLU A 216 -7.19 -27.51 18.86
CA GLU A 216 -6.42 -28.38 18.00
C GLU A 216 -4.92 -28.09 18.13
N GLY A 217 -4.15 -28.37 17.07
CA GLY A 217 -2.70 -28.32 17.15
C GLY A 217 -2.19 -29.27 18.22
N ASN A 218 -1.31 -28.79 19.08
CA ASN A 218 -0.75 -29.60 20.17
C ASN A 218 -1.75 -29.92 21.28
N LYS A 219 -2.88 -29.21 21.29
CA LYS A 219 -3.93 -29.35 22.32
C LYS A 219 -3.37 -29.17 23.73
N VAL A 220 -2.85 -27.97 23.99
CA VAL A 220 -2.31 -27.62 25.31
C VAL A 220 -3.07 -26.41 25.86
N ILE A 221 -3.57 -26.54 27.09
CA ILE A 221 -4.29 -25.47 27.77
C ILE A 221 -3.31 -24.66 28.62
N ARG A 222 -3.32 -23.33 28.44
CA ARG A 222 -2.50 -22.42 29.24
C ARG A 222 -3.29 -21.19 29.62
N GLY A 223 -2.95 -20.59 30.76
CA GLY A 223 -3.53 -19.31 31.17
C GLY A 223 -4.87 -19.42 31.87
N GLY A 224 -5.68 -18.37 31.74
CA GLY A 224 -7.00 -18.32 32.36
C GLY A 224 -6.95 -18.30 33.87
N ASN A 225 -7.55 -19.31 34.49
CA ASN A 225 -7.50 -19.45 35.94
C ASN A 225 -6.50 -20.49 36.42
N ALA A 226 -5.72 -21.04 35.49
CA ALA A 226 -4.82 -22.17 35.76
C ALA A 226 -5.56 -23.35 36.40
N ILE A 227 -6.80 -23.57 35.97
CA ILE A 227 -7.60 -24.72 36.40
C ILE A 227 -7.09 -25.99 35.73
N ALA A 228 -6.83 -25.89 34.43
CA ALA A 228 -6.58 -27.06 33.60
C ALA A 228 -5.29 -26.94 32.79
N ASP A 229 -4.30 -26.28 33.37
CA ASP A 229 -3.00 -26.06 32.73
C ASP A 229 -2.36 -27.38 32.27
N GLY A 230 -1.87 -27.40 31.04
CA GLY A 230 -1.16 -28.56 30.51
C GLY A 230 -1.78 -29.18 29.28
N PRO A 231 -1.10 -30.19 28.69
CA PRO A 231 -1.63 -30.91 27.53
C PRO A 231 -2.95 -31.60 27.85
N VAL A 232 -3.85 -31.62 26.88
CA VAL A 232 -5.13 -32.30 27.00
C VAL A 232 -4.91 -33.82 27.03
N ASN A 233 -5.20 -34.42 28.19
CA ASN A 233 -5.12 -35.86 28.39
C ASN A 233 -5.91 -36.29 29.63
N GLU A 234 -6.03 -37.60 29.85
CA GLU A 234 -6.85 -38.13 30.94
C GLU A 234 -6.35 -37.69 32.33
N THR A 235 -5.03 -37.73 32.52
CA THR A 235 -4.42 -37.33 33.78
C THR A 235 -4.72 -35.87 34.10
N ASN A 236 -4.55 -35.00 33.11
CA ASN A 236 -4.78 -33.57 33.31
C ASN A 236 -6.25 -33.19 33.41
N LEU A 237 -7.12 -34.00 32.81
CA LEU A 237 -8.57 -33.84 33.00
C LEU A 237 -8.95 -34.08 34.46
N GLU A 238 -8.45 -35.17 35.04
CA GLU A 238 -8.76 -35.48 36.44
C GLU A 238 -8.19 -34.42 37.39
N ALA A 239 -6.98 -33.93 37.09
CA ALA A 239 -6.39 -32.83 37.86
C ALA A 239 -7.25 -31.57 37.77
N ALA A 240 -7.74 -31.28 36.57
CA ALA A 240 -8.59 -30.11 36.34
C ALA A 240 -9.89 -30.20 37.14
N MET A 241 -10.51 -31.37 37.14
CA MET A 241 -11.78 -31.56 37.85
C MET A 241 -11.61 -31.48 39.37
N HIS A 242 -10.45 -31.92 39.86
CA HIS A 242 -10.12 -31.78 41.28
CA HIS A 242 -10.13 -31.78 41.28
C HIS A 242 -10.02 -30.30 41.65
N ALA A 243 -9.39 -29.52 40.77
CA ALA A 243 -9.25 -28.08 40.97
C ALA A 243 -10.60 -27.35 40.89
N VAL A 244 -11.45 -27.77 39.96
CA VAL A 244 -12.81 -27.23 39.83
C VAL A 244 -13.58 -27.36 41.15
N ARG A 245 -13.52 -28.55 41.76
CA ARG A 245 -14.20 -28.82 43.02
CA ARG A 245 -14.20 -28.82 43.02
C ARG A 245 -13.57 -28.05 44.19
N SER A 246 -12.25 -28.13 44.30
CA SER A 246 -11.52 -27.52 45.41
CA SER A 246 -11.50 -27.51 45.40
C SER A 246 -11.67 -25.99 45.43
N KCX A 247 -11.73 -25.37 44.26
CA KCX A 247 -11.82 -23.91 44.20
CB KCX A 247 -10.89 -23.34 43.13
CG KCX A 247 -9.63 -22.84 43.81
CD KCX A 247 -8.44 -23.72 43.46
CE KCX A 247 -8.19 -23.78 41.96
NZ KCX A 247 -8.25 -22.40 41.47
C KCX A 247 -13.21 -23.35 43.99
O KCX A 247 -13.38 -22.12 43.88
CX KCX A 247 -7.64 -21.92 40.40
OQ1 KCX A 247 -6.92 -22.69 39.72
OQ2 KCX A 247 -7.79 -20.71 40.11
N GLY A 248 -14.21 -24.22 43.94
CA GLY A 248 -15.60 -23.80 43.86
C GLY A 248 -16.00 -23.18 42.53
N PHE A 249 -15.49 -23.72 41.44
CA PHE A 249 -15.93 -23.33 40.11
C PHE A 249 -17.20 -24.09 39.76
N GLY A 250 -18.22 -23.38 39.28
CA GLY A 250 -19.54 -23.97 39.01
C GLY A 250 -19.50 -25.20 38.14
N HIS A 251 -19.95 -26.33 38.68
CA HIS A 251 -20.00 -27.57 37.90
C HIS A 251 -21.25 -28.39 38.18
N GLU A 252 -21.91 -28.80 37.09
CA GLU A 252 -23.03 -29.73 37.15
CA GLU A 252 -23.04 -29.72 37.14
C GLU A 252 -22.97 -30.66 35.95
N GLU A 253 -23.00 -31.96 36.21
CA GLU A 253 -22.96 -32.96 35.16
C GLU A 253 -24.17 -32.80 34.23
N GLU A 254 -23.92 -32.84 32.92
CA GLU A 254 -24.99 -32.87 31.92
C GLU A 254 -24.85 -34.15 31.10
N LYS A 255 -25.30 -35.26 31.67
CA LYS A 255 -25.05 -36.60 31.11
C LYS A 255 -25.53 -36.79 29.68
N ASP A 256 -26.65 -36.15 29.33
CA ASP A 256 -27.26 -36.34 28.02
C ASP A 256 -26.98 -35.22 27.00
N ALA A 257 -25.97 -34.39 27.30
CA ALA A 257 -25.55 -33.34 26.36
C ALA A 257 -25.18 -33.97 25.01
N SER A 258 -25.69 -33.38 23.93
CA SER A 258 -25.41 -33.88 22.58
C SER A 258 -23.93 -33.74 22.23
N GLU A 259 -23.34 -34.83 21.75
CA GLU A 259 -21.93 -34.86 21.36
C GLU A 259 -21.78 -35.35 19.93
N GLY A 260 -20.80 -34.82 19.22
CA GLY A 260 -20.56 -35.21 17.83
C GLY A 260 -19.33 -34.58 17.25
N PHE A 261 -19.41 -34.23 15.97
CA PHE A 261 -18.28 -33.68 15.23
C PHE A 261 -18.76 -32.60 14.27
N THR A 262 -17.89 -31.65 13.96
CA THR A 262 -18.14 -30.68 12.92
C THR A 262 -17.63 -31.23 11.58
N LYS A 263 -18.31 -30.86 10.50
CA LYS A 263 -17.98 -31.35 9.17
C LYS A 263 -18.59 -30.45 8.10
N GLU A 264 -18.28 -30.75 6.83
CA GLU A 264 -18.91 -30.07 5.72
C GLU A 264 -20.32 -30.64 5.52
N ASP A 265 -21.28 -30.03 6.21
CA ASP A 265 -22.67 -30.48 6.21
C ASP A 265 -23.58 -29.35 6.69
N PRO A 266 -24.44 -28.82 5.79
CA PRO A 266 -25.35 -27.72 6.15
C PRO A 266 -26.42 -28.12 7.17
N ASN A 267 -26.57 -29.41 7.36
CA ASN A 267 -27.58 -29.86 8.29
C ASN A 267 -27.09 -30.32 9.63
N CYS A 268 -25.79 -30.22 9.89
CA CYS A 268 -25.22 -30.67 11.15
C CYS A 268 -25.48 -29.64 12.27
N PRO A 269 -26.17 -30.05 13.33
CA PRO A 269 -26.51 -29.12 14.38
C PRO A 269 -25.31 -28.62 15.18
N PHE A 270 -24.16 -29.26 15.02
CA PHE A 270 -22.95 -28.78 15.71
C PHE A 270 -22.24 -27.67 14.96
N ASN A 271 -22.62 -27.47 13.70
CA ASN A 271 -21.94 -26.51 12.85
C ASN A 271 -22.30 -25.05 13.12
N THR A 272 -21.36 -24.17 12.83
CA THR A 272 -21.58 -22.73 12.84
C THR A 272 -21.17 -22.21 11.46
N PHE A 273 -22.05 -21.39 10.88
CA PHE A 273 -21.85 -20.88 9.53
C PHE A 273 -21.73 -19.37 9.54
N ILE A 274 -21.10 -18.83 8.49
CA ILE A 274 -20.99 -17.38 8.30
C ILE A 274 -21.04 -17.07 6.80
N HIS A 275 -21.90 -16.13 6.43
CA HIS A 275 -22.00 -15.71 5.04
C HIS A 275 -20.72 -15.02 4.59
N ARG A 276 -20.35 -15.22 3.33
CA ARG A 276 -19.18 -14.57 2.74
C ARG A 276 -19.15 -13.06 2.95
N LYS A 277 -20.31 -12.41 2.87
CA LYS A 277 -20.39 -10.97 3.09
C LYS A 277 -19.94 -10.58 4.50
N GLU A 278 -20.45 -11.28 5.50
CA GLU A 278 -20.06 -11.02 6.89
C GLU A 278 -18.62 -11.44 7.16
N TYR A 279 -18.19 -12.55 6.57
CA TYR A 279 -16.81 -12.99 6.67
C TYR A 279 -15.86 -11.89 6.20
N ALA A 280 -16.13 -11.37 4.99
CA ALA A 280 -15.31 -10.31 4.40
C ALA A 280 -15.30 -9.05 5.27
N ASN A 281 -16.46 -8.73 5.85
CA ASN A 281 -16.58 -7.58 6.76
C ASN A 281 -15.67 -7.69 7.99
N LYS A 282 -15.57 -8.90 8.53
CA LYS A 282 -14.78 -9.16 9.75
C LYS A 282 -13.29 -9.39 9.47
N TYR A 283 -12.99 -10.15 8.42
CA TYR A 283 -11.62 -10.66 8.21
C TYR A 283 -10.97 -10.25 6.89
N GLY A 284 -11.70 -9.51 6.06
CA GLY A 284 -11.30 -9.31 4.68
C GLY A 284 -11.75 -10.51 3.85
N PRO A 285 -11.73 -10.39 2.52
CA PRO A 285 -12.27 -11.43 1.63
C PRO A 285 -11.43 -12.71 1.62
N THR A 286 -11.99 -13.76 1.04
CA THR A 286 -11.31 -15.05 0.95
C THR A 286 -11.37 -15.60 -0.49
N THR A 287 -10.90 -16.83 -0.67
CA THR A 287 -10.71 -17.43 -1.99
C THR A 287 -11.93 -17.32 -2.91
N GLY A 288 -11.72 -16.74 -4.08
CA GLY A 288 -12.78 -16.60 -5.07
C GLY A 288 -13.46 -15.25 -5.03
N ASP A 289 -13.39 -14.56 -3.89
CA ASP A 289 -13.92 -13.20 -3.76
C ASP A 289 -13.12 -12.23 -4.62
N LYS A 290 -13.75 -11.12 -4.98
CA LYS A 290 -13.10 -10.11 -5.83
C LYS A 290 -13.10 -8.74 -5.15
N ILE A 291 -12.07 -7.94 -5.45
CA ILE A 291 -11.91 -6.61 -4.87
C ILE A 291 -11.69 -5.61 -6.00
N ARG A 292 -12.49 -4.54 -6.02
CA ARG A 292 -12.25 -3.45 -6.95
C ARG A 292 -11.08 -2.61 -6.44
N LEU A 293 -10.12 -2.33 -7.33
CA LEU A 293 -8.96 -1.53 -6.94
C LEU A 293 -9.25 -0.04 -7.08
N GLY A 294 -9.38 0.62 -5.93
CA GLY A 294 -9.76 2.04 -5.92
C GLY A 294 -11.06 2.26 -6.69
N ASP A 295 -11.11 3.36 -7.44
CA ASP A 295 -12.24 3.63 -8.32
C ASP A 295 -11.95 3.27 -9.78
N THR A 296 -11.01 2.34 -9.98
CA THR A 296 -10.68 1.83 -11.32
C THR A 296 -11.66 0.73 -11.74
N ASN A 297 -11.48 0.25 -12.96
CA ASN A 297 -12.27 -0.86 -13.49
C ASN A 297 -11.65 -2.23 -13.22
N LEU A 298 -10.58 -2.26 -12.43
CA LEU A 298 -9.79 -3.47 -12.21
C LEU A 298 -10.28 -4.31 -11.03
N LEU A 299 -10.47 -5.61 -11.25
CA LEU A 299 -10.94 -6.54 -10.22
C LEU A 299 -9.89 -7.59 -9.89
N ALA A 300 -9.47 -7.62 -8.63
CA ALA A 300 -8.52 -8.60 -8.14
C ALA A 300 -9.23 -9.76 -7.43
N GLU A 301 -8.98 -10.98 -7.87
CA GLU A 301 -9.58 -12.17 -7.24
C GLU A 301 -8.57 -12.86 -6.33
N ILE A 302 -9.02 -13.20 -5.13
CA ILE A 302 -8.19 -13.94 -4.18
C ILE A 302 -7.95 -15.34 -4.72
N GLU A 303 -6.68 -15.67 -4.98
CA GLU A 303 -6.32 -16.94 -5.62
C GLU A 303 -6.23 -18.09 -4.64
N LYS A 304 -5.78 -17.80 -3.43
CA LYS A 304 -5.72 -18.77 -2.35
C LYS A 304 -5.69 -18.08 -0.99
N ASP A 305 -6.06 -18.83 0.04
CA ASP A 305 -6.13 -18.31 1.40
C ASP A 305 -5.51 -19.34 2.34
N TYR A 306 -4.59 -18.88 3.19
CA TYR A 306 -3.92 -19.77 4.16
C TYR A 306 -4.74 -19.99 5.43
N ALA A 307 -5.82 -19.23 5.58
CA ALA A 307 -6.65 -19.34 6.78
C ALA A 307 -7.35 -20.69 6.88
N LEU A 308 -7.49 -21.17 8.10
CA LEU A 308 -8.39 -22.26 8.40
C LEU A 308 -9.59 -21.62 9.08
N TYR A 309 -10.75 -21.66 8.42
CA TYR A 309 -11.91 -20.87 8.85
C TYR A 309 -12.32 -21.13 10.29
N GLY A 310 -12.33 -20.07 11.09
CA GLY A 310 -12.61 -20.15 12.51
C GLY A 310 -11.43 -19.84 13.40
N ASP A 311 -10.22 -19.97 12.85
CA ASP A 311 -8.98 -19.73 13.62
C ASP A 311 -8.26 -18.44 13.21
N GLU A 312 -8.99 -17.50 12.61
CA GLU A 312 -8.41 -16.23 12.18
C GLU A 312 -7.79 -15.48 13.34
N CYS A 313 -6.63 -14.88 13.10
CA CYS A 313 -5.96 -14.08 14.11
C CYS A 313 -6.54 -12.68 14.10
N VAL A 314 -7.45 -12.39 15.02
CA VAL A 314 -7.95 -11.02 15.21
CA VAL A 314 -7.96 -11.03 15.20
C VAL A 314 -7.64 -10.55 16.62
N PHE A 315 -7.13 -9.33 16.71
CA PHE A 315 -6.73 -8.73 17.98
C PHE A 315 -7.79 -7.75 18.49
N GLY A 316 -8.05 -7.79 19.79
CA GLY A 316 -8.97 -6.87 20.45
C GLY A 316 -9.52 -7.46 21.72
N GLY A 317 -10.40 -6.71 22.38
CA GLY A 317 -11.07 -7.18 23.60
C GLY A 317 -11.91 -8.41 23.34
N GLY A 318 -11.65 -9.47 24.10
CA GLY A 318 -12.34 -10.74 23.94
C GLY A 318 -11.97 -11.53 22.69
N LYS A 319 -10.96 -11.06 21.97
CA LYS A 319 -10.64 -11.65 20.68
C LYS A 319 -9.55 -12.72 20.75
N VAL A 320 -8.94 -13.04 19.62
CA VAL A 320 -8.17 -14.27 19.49
C VAL A 320 -6.74 -14.15 20.04
N ILE A 321 -6.10 -13.01 19.82
CA ILE A 321 -4.69 -12.84 20.19
CA ILE A 321 -4.69 -12.84 20.19
C ILE A 321 -4.56 -12.45 21.66
N ARG A 322 -4.71 -13.45 22.53
CA ARG A 322 -4.62 -13.26 23.97
C ARG A 322 -3.87 -14.43 24.60
N ASP A 323 -3.25 -14.18 25.75
CA ASP A 323 -2.42 -15.16 26.47
C ASP A 323 -3.05 -16.55 26.56
N GLY A 324 -2.35 -17.54 26.02
CA GLY A 324 -2.77 -18.95 26.07
C GLY A 324 -3.77 -19.33 25.00
N MET A 325 -4.24 -18.35 24.25
CA MET A 325 -5.24 -18.57 23.22
C MET A 325 -4.70 -18.50 21.79
N GLY A 326 -4.62 -17.31 21.19
CA GLY A 326 -3.98 -17.15 19.88
C GLY A 326 -2.55 -16.70 20.10
N GLN A 327 -2.24 -16.30 21.34
CA GLN A 327 -0.90 -15.91 21.74
C GLN A 327 -0.23 -17.06 22.51
N SER A 328 0.85 -17.59 21.95
CA SER A 328 1.49 -18.82 22.39
C SER A 328 2.34 -18.72 23.65
N CME A 329 2.24 -19.75 24.50
CA CME A 329 3.08 -19.92 25.69
CB CME A 329 2.19 -20.23 26.90
SG CME A 329 1.33 -18.79 27.39
SD CME A 329 2.65 -17.42 28.06
CE CME A 329 3.06 -16.50 26.60
CZ CME A 329 1.85 -16.02 25.83
OH CME A 329 1.22 -14.91 26.48
C CME A 329 4.08 -21.04 25.57
O CME A 329 4.94 -21.21 26.45
N GLY A 330 4.02 -21.81 24.50
CA GLY A 330 4.78 -23.06 24.39
C GLY A 330 6.05 -23.04 23.56
N HIS A 331 6.61 -21.84 23.35
CA HIS A 331 7.72 -21.68 22.42
C HIS A 331 8.87 -20.85 23.02
N PRO A 332 10.10 -21.05 22.52
CA PRO A 332 11.23 -20.24 22.98
C PRO A 332 11.05 -18.75 22.65
N PRO A 333 11.39 -17.86 23.60
CA PRO A 333 11.26 -16.41 23.38
C PRO A 333 11.89 -15.92 22.08
N ALA A 334 13.02 -16.51 21.70
CA ALA A 334 13.73 -16.11 20.50
C ALA A 334 12.96 -16.32 19.19
N ILE A 335 11.94 -17.19 19.20
CA ILE A 335 11.19 -17.44 17.96
C ILE A 335 9.84 -16.69 17.86
N SER A 336 9.49 -15.92 18.89
CA SER A 336 8.35 -15.00 18.79
C SER A 336 8.55 -14.06 17.61
N LEU A 337 7.51 -13.88 16.80
CA LEU A 337 7.52 -12.82 15.78
C LEU A 337 7.70 -11.46 16.44
N ASP A 338 8.35 -10.52 15.75
CA ASP A 338 8.39 -9.14 16.25
C ASP A 338 7.04 -8.48 16.05
N THR A 339 6.48 -8.66 14.86
CA THR A 339 5.17 -8.14 14.48
C THR A 339 4.47 -9.16 13.59
N VAL A 340 3.15 -9.27 13.75
CA VAL A 340 2.32 -9.98 12.78
C VAL A 340 1.35 -8.99 12.13
N ILE A 341 1.27 -9.03 10.80
CA ILE A 341 0.17 -8.37 10.07
C ILE A 341 -0.90 -9.44 9.84
N THR A 342 -2.06 -9.25 10.47
CA THR A 342 -3.12 -10.24 10.45
C THR A 342 -4.08 -10.08 9.26
N ASN A 343 -4.45 -11.20 8.64
CA ASN A 343 -5.51 -11.22 7.62
C ASN A 343 -5.30 -10.26 6.44
N ALA A 344 -4.10 -10.28 5.86
CA ALA A 344 -3.78 -9.39 4.74
C ALA A 344 -4.19 -9.96 3.39
N VAL A 345 -4.77 -9.11 2.54
CA VAL A 345 -4.85 -9.40 1.12
C VAL A 345 -3.54 -8.91 0.50
N ILE A 346 -2.71 -9.84 0.04
CA ILE A 346 -1.44 -9.48 -0.57
C ILE A 346 -1.60 -9.38 -2.08
N ILE A 347 -1.28 -8.21 -2.64
CA ILE A 347 -1.19 -8.06 -4.08
C ILE A 347 0.29 -7.87 -4.44
N ASP A 348 0.80 -8.82 -5.23
CA ASP A 348 2.23 -8.90 -5.57
C ASP A 348 2.34 -9.54 -6.95
N TYR A 349 3.45 -9.31 -7.64
CA TYR A 349 3.64 -9.94 -8.95
C TYR A 349 3.59 -11.47 -8.84
N THR A 350 3.95 -12.01 -7.67
CA THR A 350 3.93 -13.45 -7.42
C THR A 350 2.53 -14.05 -7.24
N GLY A 351 1.55 -13.20 -6.95
CA GLY A 351 0.17 -13.64 -6.78
C GLY A 351 -0.68 -12.75 -5.92
N ILE A 352 -2.00 -12.97 -6.00
CA ILE A 352 -2.96 -12.26 -5.18
C ILE A 352 -3.54 -13.27 -4.19
N ILE A 353 -3.12 -13.13 -2.93
CA ILE A 353 -3.39 -14.17 -1.92
C ILE A 353 -3.89 -13.55 -0.62
N LYS A 354 -4.43 -14.40 0.26
CA LYS A 354 -4.84 -14.01 1.59
C LYS A 354 -3.98 -14.75 2.61
N ALA A 355 -3.31 -14.01 3.49
CA ALA A 355 -2.38 -14.60 4.46
C ALA A 355 -2.05 -13.66 5.61
N ASP A 356 -1.56 -14.23 6.70
CA ASP A 356 -0.87 -13.45 7.74
C ASP A 356 0.57 -13.24 7.30
N ILE A 357 1.17 -12.13 7.71
CA ILE A 357 2.57 -11.84 7.42
C ILE A 357 3.34 -11.70 8.72
N GLY A 358 4.38 -12.52 8.87
CA GLY A 358 5.26 -12.44 10.03
C GLY A 358 6.50 -11.61 9.75
N ILE A 359 6.84 -10.73 10.69
CA ILE A 359 8.01 -9.86 10.59
C ILE A 359 8.94 -10.13 11.76
N LYS A 360 10.23 -10.29 11.47
CA LYS A 360 11.24 -10.50 12.50
C LYS A 360 12.57 -9.90 12.07
N ASP A 361 13.19 -9.12 12.96
CA ASP A 361 14.45 -8.43 12.68
C ASP A 361 14.36 -7.59 11.41
N GLY A 362 13.19 -6.97 11.21
CA GLY A 362 12.96 -6.09 10.07
C GLY A 362 12.75 -6.78 8.74
N LEU A 363 12.72 -8.11 8.75
CA LEU A 363 12.55 -8.92 7.55
C LEU A 363 11.19 -9.59 7.51
N ILE A 364 10.73 -9.92 6.29
CA ILE A 364 9.56 -10.77 6.14
C ILE A 364 9.97 -12.19 6.54
N ALA A 365 9.55 -12.63 7.72
CA ALA A 365 9.96 -13.90 8.29
C ALA A 365 9.15 -15.06 7.73
N SER A 366 7.89 -14.77 7.42
CA SER A 366 6.95 -15.82 7.02
C SER A 366 5.66 -15.23 6.44
N ILE A 367 5.04 -16.01 5.55
CA ILE A 367 3.75 -15.68 4.95
C ILE A 367 2.90 -16.94 5.00
N GLY A 368 1.74 -16.86 5.65
CA GLY A 368 0.88 -18.05 5.82
C GLY A 368 -0.07 -17.90 6.99
N LYS A 369 -0.23 -18.98 7.76
CA LYS A 369 -1.17 -18.99 8.88
C LYS A 369 -0.44 -18.81 10.21
N ALA A 370 -0.67 -17.67 10.86
CA ALA A 370 -0.02 -17.34 12.12
C ALA A 370 -0.87 -17.76 13.32
N GLY A 371 -0.27 -17.74 14.50
CA GLY A 371 -1.03 -17.98 15.73
C GLY A 371 -0.29 -18.78 16.78
N ASN A 372 -1.00 -19.72 17.37
CA ASN A 372 -0.50 -20.54 18.46
C ASN A 372 -0.65 -22.03 18.14
N PRO A 373 0.47 -22.73 17.93
CA PRO A 373 0.46 -24.17 17.64
C PRO A 373 -0.18 -25.02 18.74
N ASP A 374 -0.32 -24.48 19.95
CA ASP A 374 -0.91 -25.21 21.08
C ASP A 374 -2.43 -25.36 20.98
N ILE A 375 -3.08 -24.50 20.20
CA ILE A 375 -4.55 -24.57 20.06
C ILE A 375 -5.05 -24.56 18.61
N MET A 376 -4.16 -24.27 17.67
CA MET A 376 -4.53 -24.17 16.25
C MET A 376 -3.75 -25.18 15.41
N ASN A 377 -4.41 -25.72 14.39
CA ASN A 377 -3.72 -26.48 13.36
C ASN A 377 -3.06 -25.53 12.35
N GLY A 378 -2.00 -26.03 11.71
CA GLY A 378 -1.40 -25.33 10.57
C GLY A 378 -0.49 -24.16 10.86
N VAL A 379 -0.07 -23.98 12.11
CA VAL A 379 0.88 -22.92 12.49
C VAL A 379 2.31 -23.46 12.51
N PHE A 380 3.10 -23.08 11.52
CA PHE A 380 4.53 -23.42 11.48
C PHE A 380 5.33 -22.60 12.50
N SER A 381 6.51 -23.11 12.85
CA SER A 381 7.33 -22.55 13.92
C SER A 381 7.84 -21.13 13.65
N ASN A 382 7.75 -20.68 12.39
CA ASN A 382 8.16 -19.31 12.04
C ASN A 382 7.00 -18.30 11.99
N MET A 383 5.81 -18.73 12.43
CA MET A 383 4.63 -17.88 12.43
C MET A 383 3.96 -17.79 13.81
N ILE A 384 4.76 -17.92 14.85
CA ILE A 384 4.25 -17.93 16.22
C ILE A 384 4.10 -16.53 16.81
N ILE A 385 2.90 -16.20 17.27
CA ILE A 385 2.61 -14.96 17.99
C ILE A 385 2.86 -15.19 19.48
N GLY A 386 3.80 -14.43 20.05
CA GLY A 386 4.14 -14.57 21.47
C GLY A 386 3.81 -13.33 22.28
N ALA A 387 4.18 -13.35 23.56
CA ALA A 387 4.04 -12.18 24.42
C ALA A 387 4.76 -10.98 23.82
N ASN A 388 5.89 -11.22 23.17
CA ASN A 388 6.70 -10.13 22.65
C ASN A 388 6.39 -9.77 21.19
N THR A 389 5.16 -10.05 20.76
CA THR A 389 4.73 -9.78 19.38
C THR A 389 3.74 -8.62 19.28
N GLU A 390 4.06 -7.64 18.43
CA GLU A 390 3.15 -6.55 18.08
C GLU A 390 2.15 -6.99 17.01
N VAL A 391 0.97 -6.36 16.98
CA VAL A 391 -0.05 -6.67 15.98
C VAL A 391 -0.36 -5.46 15.11
N ILE A 392 -0.31 -5.65 13.81
CA ILE A 392 -0.85 -4.73 12.82
C ILE A 392 -2.08 -5.43 12.20
N ALA A 393 -3.23 -4.75 12.24
CA ALA A 393 -4.48 -5.34 11.78
C ALA A 393 -4.65 -5.15 10.27
N GLY A 394 -4.51 -6.24 9.52
CA GLY A 394 -4.63 -6.18 8.06
C GLY A 394 -6.01 -6.50 7.51
N GLU A 395 -6.91 -7.02 8.35
CA GLU A 395 -8.25 -7.40 7.88
C GLU A 395 -8.99 -6.27 7.18
N GLY A 396 -9.45 -6.54 5.97
CA GLY A 396 -10.15 -5.54 5.15
C GLY A 396 -9.22 -4.70 4.30
N LEU A 397 -7.92 -4.87 4.47
CA LEU A 397 -6.92 -4.09 3.76
C LEU A 397 -6.10 -4.91 2.76
N ILE A 398 -5.46 -4.19 1.84
CA ILE A 398 -4.50 -4.75 0.89
C ILE A 398 -3.08 -4.37 1.33
N VAL A 399 -2.18 -5.34 1.29
CA VAL A 399 -0.76 -5.09 1.53
C VAL A 399 0.01 -5.31 0.23
N THR A 400 0.85 -4.35 -0.14
CA THR A 400 1.80 -4.51 -1.24
C THR A 400 3.22 -4.21 -0.76
N ALA A 401 4.21 -4.60 -1.56
CA ALA A 401 5.58 -4.15 -1.39
C ALA A 401 5.63 -2.63 -1.49
N GLY A 402 6.57 -2.02 -0.78
CA GLY A 402 6.89 -0.61 -1.01
C GLY A 402 7.32 -0.40 -2.45
N ALA A 403 6.89 0.71 -3.06
CA ALA A 403 7.26 1.01 -4.45
C ALA A 403 8.72 1.43 -4.55
N ILE A 404 9.31 1.21 -5.72
CA ILE A 404 10.69 1.53 -6.00
C ILE A 404 10.72 2.44 -7.23
N ASP A 405 11.09 3.70 -7.01
CA ASP A 405 11.21 4.68 -8.09
C ASP A 405 12.67 4.75 -8.47
N CYS A 406 12.99 4.31 -9.69
CA CYS A 406 14.39 4.25 -10.11
C CYS A 406 14.79 5.32 -11.14
N HIS A 407 13.99 6.38 -11.25
CA HIS A 407 14.35 7.56 -12.04
C HIS A 407 14.11 8.82 -11.20
N VAL A 408 14.91 8.98 -10.15
CA VAL A 408 14.75 10.11 -9.23
C VAL A 408 15.84 11.17 -9.47
N HIS A 409 15.41 12.41 -9.71
CA HIS A 409 16.34 13.54 -9.66
C HIS A 409 16.27 14.09 -8.26
N TYR A 410 17.38 14.04 -7.52
CA TYR A 410 17.41 14.54 -6.14
C TYR A 410 17.51 16.07 -6.13
N ILE A 411 16.43 16.71 -6.57
CA ILE A 411 16.38 18.17 -6.73
C ILE A 411 16.11 18.88 -5.39
N CYS A 412 15.27 18.29 -4.56
CA CYS A 412 15.03 18.81 -3.21
C CYS A 412 14.68 17.67 -2.25
N PRO A 413 14.82 17.91 -0.93
CA PRO A 413 14.43 16.88 0.03
C PRO A 413 12.92 16.64 0.08
N GLN A 414 12.14 17.65 -0.26
CA GLN A 414 10.69 17.59 -0.09
C GLN A 414 10.04 16.52 -0.97
N LEU A 415 10.66 16.21 -2.12
CA LEU A 415 10.15 15.13 -2.98
C LEU A 415 10.28 13.76 -2.30
N VAL A 416 11.25 13.61 -1.40
CA VAL A 416 11.39 12.38 -0.62
C VAL A 416 10.16 12.17 0.26
N TYR A 417 9.71 13.23 0.93
CA TYR A 417 8.52 13.15 1.79
C TYR A 417 7.27 12.85 0.97
N GLU A 418 7.17 13.47 -0.21
CA GLU A 418 6.04 13.21 -1.11
C GLU A 418 6.05 11.76 -1.58
N ALA A 419 7.24 11.25 -1.88
CA ALA A 419 7.41 9.87 -2.35
C ALA A 419 6.93 8.85 -1.31
N ILE A 420 7.46 8.92 -0.09
CA ILE A 420 7.10 7.93 0.93
C ILE A 420 5.62 8.03 1.33
N SER A 421 5.07 9.25 1.37
CA SER A 421 3.67 9.43 1.72
CA SER A 421 3.67 9.48 1.70
C SER A 421 2.74 8.83 0.67
N SER A 422 3.26 8.57 -0.52
CA SER A 422 2.50 7.95 -1.61
C SER A 422 2.67 6.43 -1.65
N GLY A 423 3.64 5.91 -0.91
CA GLY A 423 3.90 4.48 -0.85
C GLY A 423 5.20 3.99 -1.48
N ILE A 424 6.15 4.91 -1.67
CA ILE A 424 7.48 4.57 -2.21
C ILE A 424 8.47 4.43 -1.06
N THR A 425 9.23 3.33 -1.04
CA THR A 425 10.20 3.08 0.03
C THR A 425 11.67 2.98 -0.44
N THR A 426 11.87 2.96 -1.76
CA THR A 426 13.23 2.97 -2.34
C THR A 426 13.33 4.00 -3.46
N LEU A 427 14.37 4.83 -3.39
CA LEU A 427 14.69 5.81 -4.43
C LEU A 427 16.03 5.50 -5.08
N VAL A 428 16.05 5.49 -6.40
CA VAL A 428 17.29 5.35 -7.18
C VAL A 428 17.34 6.46 -8.22
N GLY A 429 18.46 7.16 -8.24
CA GLY A 429 18.66 8.24 -9.20
C GLY A 429 19.93 8.99 -8.84
N GLY A 430 19.98 10.27 -9.20
CA GLY A 430 21.15 11.08 -8.93
C GLY A 430 20.80 12.54 -8.70
N GLY A 431 21.73 13.25 -8.09
CA GLY A 431 21.58 14.68 -7.86
C GLY A 431 22.31 15.18 -6.64
N THR A 432 22.31 16.50 -6.48
CA THR A 432 23.03 17.18 -5.41
C THR A 432 22.17 18.25 -4.74
N GLY A 433 20.90 18.31 -5.11
CA GLY A 433 20.06 19.47 -4.80
C GLY A 433 19.68 20.19 -6.09
N PRO A 434 19.18 21.43 -5.98
CA PRO A 434 18.59 22.08 -7.17
C PRO A 434 19.58 22.74 -8.15
N ALA A 435 20.82 22.23 -8.22
CA ALA A 435 21.78 22.69 -9.23
C ALA A 435 21.29 22.35 -10.64
N ALA A 436 21.66 23.18 -11.61
CA ALA A 436 21.28 22.97 -13.01
C ALA A 436 21.55 21.54 -13.51
N GLY A 437 22.70 20.98 -13.15
CA GLY A 437 23.06 19.63 -13.59
C GLY A 437 22.06 18.59 -13.12
N THR A 438 21.62 18.72 -11.86
CA THR A 438 20.65 17.81 -11.25
C THR A 438 19.24 18.04 -11.75
N ARG A 439 18.89 19.31 -11.99
CA ARG A 439 17.57 19.64 -12.52
CA ARG A 439 17.58 19.66 -12.52
C ARG A 439 17.38 19.03 -13.91
N ALA A 440 18.50 18.80 -14.59
CA ALA A 440 18.48 18.22 -15.93
C ALA A 440 18.73 16.70 -15.98
N THR A 441 19.53 16.19 -15.05
CA THR A 441 20.08 14.82 -15.16
C THR A 441 20.12 14.12 -13.81
N THR A 442 19.96 12.80 -13.82
CA THR A 442 20.07 11.98 -12.60
C THR A 442 21.54 11.69 -12.26
N CYS A 443 22.29 12.74 -11.93
CA CYS A 443 23.73 12.62 -11.71
C CYS A 443 24.19 13.27 -10.42
N THR A 444 24.91 12.49 -9.61
CA THR A 444 25.69 13.00 -8.49
C THR A 444 27.15 12.93 -8.94
N PRO A 445 27.69 14.04 -9.49
CA PRO A 445 28.97 13.93 -10.21
C PRO A 445 30.23 13.73 -9.37
N SER A 446 30.39 14.50 -8.30
CA SER A 446 31.64 14.50 -7.53
C SER A 446 31.64 13.50 -6.36
N PRO A 447 32.78 12.83 -6.12
CA PRO A 447 32.90 12.02 -4.90
C PRO A 447 32.56 12.80 -3.62
N THR A 448 32.86 14.10 -3.60
CA THR A 448 32.47 14.99 -2.49
C THR A 448 30.96 14.97 -2.29
N GLN A 449 30.22 15.11 -3.40
CA GLN A 449 28.77 15.11 -3.38
C GLN A 449 28.18 13.73 -3.07
N MET A 450 28.85 12.67 -3.52
CA MET A 450 28.43 11.30 -3.22
C MET A 450 28.45 11.07 -1.71
N ARG A 451 29.56 11.47 -1.08
CA ARG A 451 29.70 11.40 0.37
C ARG A 451 28.61 12.22 1.07
N LEU A 452 28.44 13.46 0.63
CA LEU A 452 27.48 14.36 1.28
C LEU A 452 26.03 13.89 1.13
N MET A 453 25.68 13.33 -0.03
CA MET A 453 24.31 12.84 -0.24
C MET A 453 24.01 11.59 0.58
N LEU A 454 25.00 10.71 0.70
CA LEU A 454 24.86 9.54 1.57
C LEU A 454 24.72 9.94 3.04
N GLN A 455 25.49 10.95 3.45
CA GLN A 455 25.39 11.49 4.81
C GLN A 455 24.07 12.22 5.03
N SER A 456 23.68 13.05 4.06
CA SER A 456 22.44 13.86 4.14
CA SER A 456 22.49 13.84 4.22
C SER A 456 21.21 13.00 4.36
N THR A 457 21.17 11.86 3.66
CA THR A 457 19.98 11.00 3.66
C THR A 457 20.03 9.85 4.67
N ASP A 458 21.09 9.82 5.48
CA ASP A 458 21.37 8.71 6.40
C ASP A 458 20.28 8.42 7.44
N ASP A 459 19.54 9.44 7.86
CA ASP A 459 18.47 9.28 8.86
C ASP A 459 17.06 9.19 8.26
N LEU A 460 16.97 9.24 6.93
CA LEU A 460 15.67 9.12 6.26
C LEU A 460 15.31 7.64 6.07
N PRO A 461 14.07 7.24 6.44
CA PRO A 461 13.63 5.84 6.36
C PRO A 461 13.21 5.41 4.96
N LEU A 462 14.12 5.57 4.00
CA LEU A 462 13.99 4.98 2.68
C LEU A 462 15.33 4.35 2.30
N ASN A 463 15.29 3.37 1.40
CA ASN A 463 16.51 2.86 0.79
C ASN A 463 16.90 3.80 -0.34
N PHE A 464 18.19 4.09 -0.46
CA PHE A 464 18.69 5.02 -1.48
C PHE A 464 19.79 4.40 -2.33
N GLY A 465 19.77 4.72 -3.62
CA GLY A 465 20.91 4.50 -4.52
C GLY A 465 21.20 5.79 -5.27
N PHE A 466 22.48 6.12 -5.39
CA PHE A 466 22.92 7.32 -6.13
C PHE A 466 23.73 6.93 -7.36
N THR A 467 23.43 7.60 -8.48
CA THR A 467 24.14 7.35 -9.74
C THR A 467 25.01 8.55 -10.12
N GLY A 468 26.22 8.27 -10.64
CA GLY A 468 27.14 9.30 -11.08
C GLY A 468 26.93 9.69 -12.53
N LYS A 469 27.83 10.54 -13.04
CA LYS A 469 27.79 10.97 -14.44
C LYS A 469 28.60 10.00 -15.30
N GLY A 470 27.90 9.25 -16.15
CA GLY A 470 28.53 8.23 -16.99
C GLY A 470 28.98 8.75 -18.34
N SER A 471 28.63 10.00 -18.63
CA SER A 471 28.97 10.65 -19.90
C SER A 471 30.43 11.06 -19.97
N SER A 472 31.30 10.08 -20.21
CA SER A 472 32.73 10.29 -20.39
C SER A 472 33.27 9.25 -21.36
N SER A 473 34.24 9.64 -22.18
CA SER A 473 34.87 8.72 -23.12
CA SER A 473 34.87 8.72 -23.12
C SER A 473 36.07 7.99 -22.51
N LYS A 474 36.46 8.40 -21.31
CA LYS A 474 37.57 7.77 -20.59
C LYS A 474 37.09 7.15 -19.28
N PRO A 475 37.71 6.02 -18.88
CA PRO A 475 37.20 5.34 -17.69
C PRO A 475 37.64 5.95 -16.35
N ASP A 476 38.69 6.79 -16.38
CA ASP A 476 39.40 7.23 -15.16
C ASP A 476 38.52 7.82 -14.06
N GLU A 477 37.70 8.81 -14.42
CA GLU A 477 36.84 9.47 -13.44
C GLU A 477 35.67 8.59 -13.01
N LEU A 478 35.20 7.73 -13.92
CA LEU A 478 34.10 6.82 -13.64
C LEU A 478 34.46 5.84 -12.52
N HIS A 479 35.68 5.30 -12.57
CA HIS A 479 36.18 4.46 -11.49
C HIS A 479 36.07 5.17 -10.13
N GLU A 480 36.37 6.47 -10.12
CA GLU A 480 36.40 7.24 -8.88
C GLU A 480 35.02 7.48 -8.28
N ILE A 481 34.03 7.82 -9.11
CA ILE A 481 32.68 8.05 -8.57
C ILE A 481 32.05 6.74 -8.09
N ILE A 482 32.42 5.64 -8.76
CA ILE A 482 31.93 4.31 -8.39
C ILE A 482 32.51 3.89 -7.03
N LYS A 483 33.82 4.03 -6.84
CA LYS A 483 34.42 3.66 -5.55
C LYS A 483 33.98 4.60 -4.42
N ALA A 484 33.56 5.81 -4.79
CA ALA A 484 33.03 6.77 -3.81
C ALA A 484 31.62 6.41 -3.32
N GLY A 485 30.92 5.55 -4.05
CA GLY A 485 29.61 5.09 -3.61
C GLY A 485 28.52 4.94 -4.65
N ALA A 486 28.77 5.42 -5.88
CA ALA A 486 27.78 5.26 -6.96
C ALA A 486 27.42 3.79 -7.17
N MET A 487 26.12 3.51 -7.29
CA MET A 487 25.65 2.15 -7.55
C MET A 487 25.18 2.00 -9.00
N GLY A 488 25.48 3.01 -9.82
CA GLY A 488 25.09 3.05 -11.22
C GLY A 488 25.60 4.32 -11.85
N LEU A 489 25.44 4.43 -13.17
CA LEU A 489 25.82 5.67 -13.87
C LEU A 489 24.74 6.05 -14.87
N KCX A 490 24.57 7.37 -15.05
CA KCX A 490 23.63 7.91 -16.03
CB KCX A 490 22.77 8.98 -15.35
CG KCX A 490 21.92 9.79 -16.34
CD KCX A 490 20.75 8.98 -16.90
CE KCX A 490 19.81 9.85 -17.73
NZ KCX A 490 19.04 10.69 -16.80
C KCX A 490 24.37 8.51 -17.20
O KCX A 490 25.23 9.37 -17.03
CX KCX A 490 17.90 11.33 -17.09
OQ1 KCX A 490 17.33 12.03 -16.23
OQ2 KCX A 490 17.43 11.21 -18.25
N LEU A 491 24.06 8.01 -18.40
CA LEU A 491 24.44 8.66 -19.65
C LEU A 491 23.32 9.61 -20.02
N HIS A 492 23.62 10.89 -20.17
CA HIS A 492 22.60 11.90 -20.49
C HIS A 492 23.08 12.79 -21.62
N GLU A 493 22.21 13.05 -22.59
CA GLU A 493 22.59 13.88 -23.74
C GLU A 493 23.09 15.27 -23.35
N ASP A 494 22.61 15.80 -22.22
CA ASP A 494 23.06 17.11 -21.73
C ASP A 494 24.53 17.14 -21.34
N TRP A 495 25.10 15.97 -21.03
CA TRP A 495 26.53 15.82 -20.79
C TRP A 495 27.22 15.14 -21.97
N GLY A 496 26.43 14.79 -22.98
CA GLY A 496 26.91 14.03 -24.13
C GLY A 496 26.57 12.54 -24.06
N SER A 497 25.67 12.11 -24.95
CA SER A 497 25.34 10.69 -25.07
CA SER A 497 25.32 10.70 -25.07
C SER A 497 25.80 10.15 -26.41
N THR A 498 27.10 10.31 -26.68
CA THR A 498 27.73 9.91 -27.93
C THR A 498 28.12 8.44 -27.90
N PRO A 499 28.26 7.81 -29.09
CA PRO A 499 28.71 6.41 -29.12
C PRO A 499 30.00 6.15 -28.34
N ALA A 500 30.96 7.09 -28.41
CA ALA A 500 32.21 6.97 -27.64
C ALA A 500 31.96 6.91 -26.13
N ALA A 501 31.10 7.81 -25.64
CA ALA A 501 30.76 7.83 -24.21
C ALA A 501 29.98 6.58 -23.81
N ILE A 502 29.03 6.18 -24.66
CA ILE A 502 28.21 5.00 -24.41
C ILE A 502 29.08 3.75 -24.25
N ASP A 503 29.99 3.55 -25.20
CA ASP A 503 30.86 2.37 -25.20
C ASP A 503 31.77 2.32 -23.96
N ASN A 504 32.42 3.44 -23.64
CA ASN A 504 33.28 3.53 -22.46
C ASN A 504 32.52 3.25 -21.16
N CYS A 505 31.35 3.89 -21.03
CA CYS A 505 30.52 3.73 -19.84
C CYS A 505 30.11 2.28 -19.63
N LEU A 506 29.73 1.61 -20.71
CA LEU A 506 29.34 0.20 -20.64
C LEU A 506 30.51 -0.72 -20.30
N THR A 507 31.69 -0.42 -20.82
CA THR A 507 32.90 -1.18 -20.47
C THR A 507 33.16 -1.09 -18.96
N ILE A 508 33.02 0.12 -18.42
CA ILE A 508 33.11 0.35 -16.98
C ILE A 508 32.10 -0.48 -16.19
N ALA A 509 30.86 -0.53 -16.70
CA ALA A 509 29.78 -1.30 -16.07
C ALA A 509 30.07 -2.79 -16.04
N GLU A 510 30.65 -3.31 -17.12
CA GLU A 510 31.04 -4.72 -17.19
C GLU A 510 32.04 -5.07 -16.10
N HIS A 511 32.95 -4.14 -15.80
CA HIS A 511 33.95 -4.36 -14.75
C HIS A 511 33.35 -4.27 -13.34
N HIS A 512 32.43 -3.33 -13.14
CA HIS A 512 31.98 -2.96 -11.81
C HIS A 512 30.67 -3.60 -11.35
N ASP A 513 30.00 -4.31 -12.25
CA ASP A 513 28.70 -4.96 -11.96
C ASP A 513 27.68 -3.93 -11.45
N ILE A 514 27.52 -2.85 -12.21
CA ILE A 514 26.52 -1.82 -11.96
C ILE A 514 25.65 -1.62 -13.19
N GLN A 515 24.45 -1.10 -13.00
CA GLN A 515 23.57 -0.80 -14.12
C GLN A 515 23.84 0.58 -14.72
N ILE A 516 23.71 0.66 -16.04
CA ILE A 516 23.81 1.91 -16.76
C ILE A 516 22.42 2.35 -17.20
N ASN A 517 22.09 3.60 -16.92
CA ASN A 517 20.85 4.23 -17.33
C ASN A 517 21.14 5.27 -18.40
N ILE A 518 20.33 5.30 -19.46
CA ILE A 518 20.61 6.18 -20.59
C ILE A 518 19.43 7.04 -21.05
N HIS A 519 19.76 8.31 -21.29
CA HIS A 519 18.90 9.28 -21.97
C HIS A 519 19.69 9.59 -23.26
N THR A 520 19.15 9.18 -24.40
CA THR A 520 19.89 9.20 -25.67
C THR A 520 19.91 10.55 -26.39
N ASP A 521 20.64 10.57 -27.51
CA ASP A 521 20.89 11.74 -28.35
C ASP A 521 19.65 12.13 -29.17
N THR A 522 18.80 12.98 -28.58
CA THR A 522 17.55 13.46 -29.23
C THR A 522 17.85 14.14 -30.57
N LEU A 523 18.93 14.91 -30.59
CA LEU A 523 19.34 15.70 -31.74
C LEU A 523 19.84 14.86 -32.91
N ASN A 524 20.06 13.56 -32.68
CA ASN A 524 20.70 12.67 -33.67
C ASN A 524 22.03 13.25 -34.16
N GLU A 525 22.68 13.98 -33.25
CA GLU A 525 23.90 14.72 -33.57
C GLU A 525 25.05 13.83 -34.00
N ALA A 526 25.28 12.75 -33.25
CA ALA A 526 26.37 11.81 -33.52
C ALA A 526 25.90 10.58 -34.28
N GLY A 527 24.59 10.36 -34.28
CA GLY A 527 24.02 9.18 -34.93
C GLY A 527 22.51 9.12 -34.72
N PHE A 528 21.88 8.19 -35.42
CA PHE A 528 20.47 7.86 -35.21
C PHE A 528 20.36 6.73 -34.18
N VAL A 529 19.14 6.32 -33.86
CA VAL A 529 18.91 5.32 -32.80
C VAL A 529 19.69 4.02 -33.04
N GLU A 530 19.75 3.58 -34.30
CA GLU A 530 20.52 2.38 -34.64
C GLU A 530 21.99 2.48 -34.28
N HIS A 531 22.54 3.69 -34.30
CA HIS A 531 23.96 3.89 -34.00
C HIS A 531 24.23 3.82 -32.48
N SER A 532 23.28 4.30 -31.68
CA SER A 532 23.34 4.12 -30.23
C SER A 532 23.20 2.65 -29.86
N ILE A 533 22.23 1.97 -30.48
CA ILE A 533 22.04 0.53 -30.28
C ILE A 533 23.33 -0.24 -30.63
N ALA A 534 23.96 0.10 -31.75
CA ALA A 534 25.24 -0.51 -32.12
C ALA A 534 26.31 -0.29 -31.05
N ALA A 535 26.35 0.90 -30.47
CA ALA A 535 27.32 1.24 -29.42
C ALA A 535 27.11 0.43 -28.14
N PHE A 536 25.90 -0.05 -27.90
CA PHE A 536 25.65 -0.93 -26.74
C PHE A 536 26.46 -2.22 -26.86
N LYS A 537 26.70 -2.66 -28.11
CA LYS A 537 27.43 -3.90 -28.42
C LYS A 537 26.86 -5.11 -27.67
N GLY A 538 25.54 -5.19 -27.62
CA GLY A 538 24.83 -6.30 -26.98
C GLY A 538 24.87 -6.32 -25.46
N ARG A 539 25.41 -5.28 -24.83
CA ARG A 539 25.54 -5.22 -23.38
C ARG A 539 24.26 -4.70 -22.72
N THR A 540 24.02 -5.14 -21.49
CA THR A 540 22.84 -4.75 -20.71
C THR A 540 22.80 -3.24 -20.45
N ILE A 541 21.66 -2.63 -20.74
CA ILE A 541 21.47 -1.20 -20.48
C ILE A 541 20.01 -0.89 -20.19
N HIS A 542 19.80 0.06 -19.26
CA HIS A 542 18.47 0.51 -18.90
C HIS A 542 18.16 1.80 -19.65
N THR A 543 17.17 1.75 -20.55
CA THR A 543 16.73 2.94 -21.26
C THR A 543 15.62 3.67 -20.49
N TYR A 544 15.96 4.86 -19.98
CA TYR A 544 15.00 5.74 -19.32
C TYR A 544 13.96 6.27 -20.33
N HIS A 545 12.80 6.67 -19.82
CA HIS A 545 11.75 7.24 -20.65
C HIS A 545 11.92 6.76 -22.09
N SER A 546 11.66 5.47 -22.30
CA SER A 546 11.85 4.85 -23.60
C SER A 546 10.96 5.34 -24.75
N GLU A 547 9.80 5.93 -24.41
CA GLU A 547 8.92 6.52 -25.42
C GLU A 547 9.54 7.78 -26.05
N GLY A 548 10.24 8.57 -25.24
CA GLY A 548 11.05 9.67 -25.76
C GLY A 548 10.65 11.10 -25.49
N ALA A 549 9.42 11.34 -25.03
CA ALA A 549 9.03 12.70 -24.64
C ALA A 549 9.98 13.24 -23.58
N GLY A 550 10.39 12.37 -22.66
CA GLY A 550 11.37 12.70 -21.63
C GLY A 550 12.79 12.82 -22.15
N GLY A 551 13.01 12.42 -23.41
CA GLY A 551 14.31 12.54 -24.06
C GLY A 551 14.70 11.32 -24.87
N GLY A 552 15.34 11.56 -26.02
CA GLY A 552 15.88 10.47 -26.84
C GLY A 552 15.74 10.68 -28.33
N HIS A 553 16.55 9.94 -29.10
CA HIS A 553 16.55 10.01 -30.57
C HIS A 553 15.17 10.30 -31.15
N ALA A 554 15.03 11.45 -31.82
CA ALA A 554 13.78 11.83 -32.47
C ALA A 554 13.71 11.23 -33.88
N PRO A 555 12.58 10.59 -34.22
CA PRO A 555 11.37 10.37 -33.43
C PRO A 555 11.23 8.95 -32.90
N ASP A 556 12.28 8.14 -33.03
CA ASP A 556 12.14 6.68 -32.96
C ASP A 556 12.91 5.95 -31.86
N ILE A 557 13.26 6.65 -30.77
CA ILE A 557 13.88 5.99 -29.62
C ILE A 557 13.10 4.78 -29.11
N ILE A 558 11.77 4.82 -29.22
CA ILE A 558 10.90 3.74 -28.72
C ILE A 558 11.23 2.35 -29.29
N LYS A 559 11.97 2.34 -30.42
CA LYS A 559 12.49 1.09 -31.01
C LYS A 559 13.26 0.21 -30.03
N VAL A 560 13.86 0.83 -29.02
CA VAL A 560 14.65 0.07 -28.03
C VAL A 560 13.84 -0.99 -27.28
N CYS A 561 12.52 -0.82 -27.26
CA CYS A 561 11.64 -1.76 -26.55
C CYS A 561 11.63 -3.17 -27.17
N GLY A 562 12.17 -3.29 -28.39
CA GLY A 562 12.31 -4.58 -29.05
C GLY A 562 13.71 -5.15 -29.05
N ILE A 563 14.62 -4.52 -28.31
CA ILE A 563 16.02 -4.94 -28.25
C ILE A 563 16.25 -5.78 -27.00
N LYS A 564 16.80 -6.98 -27.20
CA LYS A 564 16.90 -7.99 -26.13
C LYS A 564 17.74 -7.54 -24.92
N ASN A 565 18.85 -6.84 -25.18
CA ASN A 565 19.74 -6.40 -24.10
C ASN A 565 19.31 -5.09 -23.45
N VAL A 566 18.19 -4.54 -23.88
CA VAL A 566 17.62 -3.33 -23.27
C VAL A 566 16.56 -3.68 -22.22
N LEU A 567 16.68 -3.03 -21.06
CA LEU A 567 15.65 -3.03 -20.04
C LEU A 567 14.97 -1.66 -20.12
N PRO A 568 13.73 -1.60 -20.67
CA PRO A 568 13.11 -0.29 -20.90
C PRO A 568 12.16 0.16 -19.81
N SER A 569 12.27 1.42 -19.42
CA SER A 569 11.30 2.03 -18.51
C SER A 569 10.54 3.18 -19.15
N SER A 570 9.38 3.49 -18.57
CA SER A 570 8.64 4.70 -18.84
C SER A 570 8.80 5.65 -17.65
N THR A 571 8.78 6.95 -17.93
CA THR A 571 8.53 7.94 -16.89
C THR A 571 7.03 8.26 -16.90
N ASN A 572 6.58 8.98 -15.88
CA ASN A 572 5.15 9.08 -15.59
C ASN A 572 4.23 10.06 -16.37
N PRO A 573 4.70 11.26 -16.71
CA PRO A 573 3.79 12.31 -17.18
CA PRO A 573 3.76 12.29 -17.16
C PRO A 573 3.01 11.94 -18.44
N THR A 574 3.55 11.03 -19.24
CA THR A 574 2.87 10.57 -20.46
C THR A 574 1.87 9.45 -20.17
N ARG A 575 1.77 9.02 -18.92
CA ARG A 575 0.92 7.88 -18.54
C ARG A 575 -0.46 8.30 -18.02
N PRO A 576 -1.55 7.90 -18.72
CA PRO A 576 -1.60 7.38 -20.08
C PRO A 576 -1.87 8.55 -21.03
N LEU A 577 -2.10 8.27 -22.31
CA LEU A 577 -2.46 9.34 -23.24
C LEU A 577 -3.87 9.85 -22.92
N THR A 578 -3.95 11.12 -22.52
CA THR A 578 -5.24 11.74 -22.21
C THR A 578 -5.44 13.03 -23.02
N SER A 579 -6.64 13.60 -22.92
CA SER A 579 -7.01 14.81 -23.67
C SER A 579 -6.02 15.96 -23.58
N ASN A 580 -5.45 16.16 -22.40
CA ASN A 580 -4.56 17.31 -22.17
C ASN A 580 -3.07 17.02 -22.35
N THR A 581 -2.71 15.75 -22.55
CA THR A 581 -1.31 15.33 -22.58
C THR A 581 -0.43 16.13 -23.56
N ILE A 582 -0.84 16.18 -24.82
CA ILE A 582 -0.01 16.81 -25.86
C ILE A 582 0.16 18.32 -25.65
N ASP A 583 -0.94 19.03 -25.41
CA ASP A 583 -0.87 20.47 -25.16
C ASP A 583 0.03 20.78 -23.96
N GLU A 584 -0.13 20.01 -22.89
CA GLU A 584 0.67 20.16 -21.68
C GLU A 584 2.17 19.93 -21.95
N HIS A 585 2.48 18.82 -22.63
CA HIS A 585 3.86 18.43 -22.88
C HIS A 585 4.60 19.35 -23.84
N LEU A 586 3.92 19.78 -24.91
CA LEU A 586 4.52 20.68 -25.89
C LEU A 586 4.93 22.00 -25.24
N ASP A 587 4.02 22.58 -24.45
CA ASP A 587 4.34 23.85 -23.79
C ASP A 587 5.42 23.69 -22.72
N MET A 588 5.34 22.61 -21.95
CA MET A 588 6.34 22.31 -20.92
C MET A 588 7.74 22.27 -21.53
N LEU A 589 7.88 21.54 -22.63
CA LEU A 589 9.16 21.40 -23.32
C LEU A 589 9.70 22.75 -23.79
N MET A 590 8.83 23.54 -24.42
CA MET A 590 9.24 24.83 -24.99
C MET A 590 9.57 25.88 -23.92
N VAL A 591 8.89 25.82 -22.79
CA VAL A 591 9.22 26.69 -21.66
C VAL A 591 10.57 26.29 -21.05
N CME A 592 10.73 25.00 -20.78
CA CME A 592 11.96 24.46 -20.17
CB CME A 592 11.79 22.96 -19.88
SG CME A 592 10.94 22.72 -18.36
SD CME A 592 9.51 24.11 -18.15
CE CME A 592 10.27 25.32 -17.12
CZ CME A 592 11.53 24.83 -16.42
OH CME A 592 11.52 25.26 -15.05
C CME A 592 13.20 24.63 -20.98
O CME A 592 14.29 24.84 -20.43
N HIS A 593 13.06 24.54 -22.29
CA HIS A 593 14.21 24.61 -23.20
C HIS A 593 14.35 25.98 -23.87
N HIS A 594 13.54 26.94 -23.42
CA HIS A 594 13.54 28.31 -23.97
C HIS A 594 13.37 28.35 -25.47
N LEU A 595 12.43 27.55 -25.97
CA LEU A 595 12.14 27.46 -27.40
C LEU A 595 11.06 28.45 -27.80
N ASP A 596 11.25 29.09 -28.95
CA ASP A 596 10.33 30.13 -29.42
C ASP A 596 9.39 29.59 -30.49
N ARG A 597 8.09 29.70 -30.24
CA ARG A 597 7.06 29.24 -31.18
C ARG A 597 7.11 29.99 -32.51
N GLU A 598 7.64 31.21 -32.49
CA GLU A 598 7.78 32.04 -33.68
C GLU A 598 8.95 31.63 -34.57
N ILE A 599 9.92 30.92 -33.98
CA ILE A 599 11.09 30.44 -34.71
C ILE A 599 10.82 29.03 -35.26
N PRO A 600 10.78 28.89 -36.59
CA PRO A 600 10.43 27.61 -37.24
C PRO A 600 11.24 26.41 -36.75
N GLU A 601 12.56 26.58 -36.62
CA GLU A 601 13.46 25.50 -36.20
CA GLU A 601 13.43 25.48 -36.21
C GLU A 601 13.20 25.04 -34.76
N ASP A 602 12.83 25.99 -33.90
CA ASP A 602 12.50 25.69 -32.50
C ASP A 602 11.24 24.85 -32.40
N LEU A 603 10.21 25.25 -33.15
CA LEU A 603 8.93 24.55 -33.18
C LEU A 603 9.08 23.16 -33.82
N ALA A 604 9.93 23.08 -34.84
CA ALA A 604 10.22 21.81 -35.51
C ALA A 604 10.86 20.81 -34.55
N PHE A 605 11.82 21.28 -33.75
CA PHE A 605 12.42 20.44 -32.72
C PHE A 605 11.38 19.94 -31.72
N ALA A 606 10.53 20.85 -31.25
CA ALA A 606 9.52 20.52 -30.24
C ALA A 606 8.54 19.46 -30.74
N HIS A 607 8.06 19.64 -31.97
CA HIS A 607 7.13 18.68 -32.59
C HIS A 607 7.80 17.33 -32.87
N SER A 608 9.10 17.34 -33.10
CA SER A 608 9.83 16.09 -33.31
C SER A 608 9.96 15.25 -32.03
N ARG A 609 9.88 15.92 -30.87
CA ARG A 609 10.07 15.25 -29.57
C ARG A 609 8.76 14.88 -28.87
N ILE A 610 7.74 15.73 -29.00
CA ILE A 610 6.43 15.49 -28.38
C ILE A 610 5.46 14.96 -29.43
N ARG A 611 5.14 13.67 -29.35
CA ARG A 611 4.43 12.98 -30.42
C ARG A 611 3.26 12.15 -29.90
N LYS A 612 2.05 12.49 -30.35
CA LYS A 612 0.85 11.73 -29.98
C LYS A 612 0.99 10.23 -30.30
N LYS A 613 1.51 9.91 -31.47
CA LYS A 613 1.60 8.53 -31.93
C LYS A 613 2.51 7.65 -31.08
N THR A 614 3.62 8.19 -30.61
CA THR A 614 4.54 7.38 -29.78
C THR A 614 4.05 7.25 -28.33
N ILE A 615 3.35 8.27 -27.83
CA ILE A 615 2.76 8.20 -26.50
C ILE A 615 1.61 7.18 -26.48
N ALA A 616 0.80 7.18 -27.54
CA ALA A 616 -0.25 6.17 -27.72
C ALA A 616 0.35 4.76 -27.77
N ALA A 617 1.44 4.62 -28.52
CA ALA A 617 2.15 3.34 -28.60
C ALA A 617 2.66 2.90 -27.22
N GLU A 618 3.11 3.87 -26.43
CA GLU A 618 3.62 3.61 -25.08
C GLU A 618 2.56 2.99 -24.16
N ASP A 619 1.31 3.43 -24.32
CA ASP A 619 0.18 2.81 -23.60
C ASP A 619 0.13 1.31 -23.92
N VAL A 620 0.13 0.98 -25.21
CA VAL A 620 -0.01 -0.40 -25.65
C VAL A 620 1.22 -1.24 -25.28
N LEU A 621 2.41 -0.69 -25.46
CA LEU A 621 3.65 -1.39 -25.13
C LEU A 621 3.76 -1.72 -23.64
N ASN A 622 3.29 -0.81 -22.78
CA ASN A 622 3.18 -1.13 -21.36
C ASN A 622 2.22 -2.29 -21.11
N ASP A 623 1.07 -2.26 -21.77
CA ASP A 623 0.03 -3.28 -21.57
C ASP A 623 0.46 -4.68 -21.99
N ILE A 624 1.23 -4.78 -23.07
CA ILE A 624 1.68 -6.08 -23.58
C ILE A 624 3.01 -6.54 -22.96
N GLY A 625 3.54 -5.73 -22.04
CA GLY A 625 4.76 -6.06 -21.33
C GLY A 625 6.05 -5.82 -22.11
N ALA A 626 6.00 -4.90 -23.06
CA ALA A 626 7.20 -4.51 -23.83
C ALA A 626 7.94 -3.33 -23.20
N ILE A 627 7.30 -2.67 -22.23
CA ILE A 627 7.97 -1.72 -21.33
C ILE A 627 7.83 -2.32 -19.93
N SER A 628 8.93 -2.35 -19.18
CA SER A 628 9.04 -3.20 -17.99
C SER A 628 8.94 -2.49 -16.64
N ILE A 629 9.13 -1.17 -16.67
CA ILE A 629 9.26 -0.36 -15.47
C ILE A 629 8.55 0.97 -15.66
N ILE A 630 7.89 1.46 -14.60
CA ILE A 630 7.37 2.82 -14.56
C ILE A 630 8.07 3.57 -13.42
N SER A 631 8.42 4.83 -13.66
CA SER A 631 9.26 5.64 -12.77
C SER A 631 8.81 7.10 -12.82
N SER A 632 9.35 7.96 -11.96
CA SER A 632 8.85 9.34 -11.90
C SER A 632 9.48 10.32 -12.89
N ASP A 633 10.80 10.48 -12.83
CA ASP A 633 11.51 11.63 -13.41
C ASP A 633 11.26 12.88 -12.56
N SER A 634 11.21 12.67 -11.25
CA SER A 634 10.83 13.69 -10.25
C SER A 634 11.38 15.09 -10.46
N GLN A 635 10.46 16.02 -10.74
CA GLN A 635 10.76 17.46 -10.90
C GLN A 635 11.68 17.82 -12.06
N ALA A 636 12.00 16.84 -12.91
CA ALA A 636 12.70 17.11 -14.16
C ALA A 636 11.72 17.06 -15.32
N MET A 637 10.90 16.02 -15.34
CA MET A 637 9.72 15.91 -16.22
C MET A 637 8.63 14.97 -15.74
N GLY A 638 8.68 14.64 -14.46
CA GLY A 638 7.72 13.73 -13.87
C GLY A 638 7.39 14.01 -12.43
N ARG A 639 6.47 13.23 -11.89
CA ARG A 639 5.82 13.54 -10.61
C ARG A 639 6.06 12.44 -9.59
N VAL A 640 6.80 12.76 -8.53
CA VAL A 640 7.27 11.74 -7.59
C VAL A 640 6.14 11.01 -6.86
N GLY A 641 5.03 11.70 -6.61
CA GLY A 641 3.92 11.10 -5.88
C GLY A 641 2.93 10.34 -6.75
N GLU A 642 3.28 10.15 -8.02
CA GLU A 642 2.34 9.56 -8.98
C GLU A 642 2.90 8.35 -9.74
N VAL A 643 3.95 7.73 -9.21
CA VAL A 643 4.50 6.50 -9.80
C VAL A 643 3.45 5.40 -9.76
N ILE A 644 2.83 5.23 -8.59
CA ILE A 644 1.83 4.19 -8.37
C ILE A 644 0.52 4.51 -9.10
N SER A 645 -0.01 5.72 -8.90
CA SER A 645 -1.29 6.08 -9.51
C SER A 645 -1.26 6.03 -11.04
N ARG A 646 -0.18 6.51 -11.65
CA ARG A 646 -0.05 6.52 -13.11
C ARG A 646 0.05 5.11 -13.69
N THR A 647 0.63 4.19 -12.93
CA THR A 647 0.69 2.78 -13.32
C THR A 647 -0.72 2.22 -13.43
N TRP A 648 -1.53 2.44 -12.38
CA TRP A 648 -2.90 1.92 -12.36
C TRP A 648 -3.84 2.61 -13.33
N GLN A 649 -3.62 3.91 -13.56
CA GLN A 649 -4.39 4.63 -14.57
C GLN A 649 -4.12 4.10 -15.98
N THR A 650 -2.87 3.68 -16.24
CA THR A 650 -2.54 3.07 -17.54
C THR A 650 -3.28 1.74 -17.70
N ALA A 651 -3.21 0.89 -16.68
CA ALA A 651 -3.90 -0.40 -16.69
C ALA A 651 -5.41 -0.26 -16.88
N ASP A 652 -6.00 0.71 -16.17
CA ASP A 652 -7.43 0.99 -16.25
C ASP A 652 -7.82 1.43 -17.66
N LYS A 653 -7.06 2.35 -18.23
CA LYS A 653 -7.33 2.84 -19.59
C LYS A 653 -7.29 1.71 -20.61
N MET A 654 -6.28 0.85 -20.51
CA MET A 654 -6.10 -0.24 -21.46
C MET A 654 -7.17 -1.31 -21.34
N LYS A 655 -7.64 -1.59 -20.12
CA LYS A 655 -8.78 -2.50 -19.94
C LYS A 655 -10.04 -1.91 -20.59
N ALA A 656 -10.26 -0.61 -20.36
CA ALA A 656 -11.43 0.08 -20.92
C ALA A 656 -11.46 0.05 -22.44
N GLN A 657 -10.29 0.16 -23.06
CA GLN A 657 -10.24 0.31 -24.51
C GLN A 657 -9.94 -0.99 -25.28
N THR A 658 -9.37 -1.99 -24.61
CA THR A 658 -9.04 -3.27 -25.27
C THR A 658 -9.63 -4.52 -24.60
N GLY A 659 -10.16 -4.37 -23.40
CA GLY A 659 -10.71 -5.50 -22.64
C GLY A 659 -9.64 -6.27 -21.90
N PRO A 660 -9.96 -7.50 -21.45
CA PRO A 660 -8.99 -8.33 -20.71
C PRO A 660 -7.81 -8.73 -21.60
N LEU A 661 -6.65 -8.96 -20.98
CA LEU A 661 -5.47 -9.45 -21.70
C LEU A 661 -5.65 -10.89 -22.16
N LYS A 662 -4.80 -11.31 -23.11
CA LYS A 662 -4.76 -12.68 -23.59
C LYS A 662 -4.66 -13.69 -22.45
N CYS A 663 -3.76 -13.44 -21.51
CA CYS A 663 -3.49 -14.35 -20.40
C CYS A 663 -4.42 -14.19 -19.20
N ASP A 664 -5.28 -13.18 -19.25
CA ASP A 664 -6.26 -13.01 -18.18
CA ASP A 664 -6.31 -12.95 -18.21
C ASP A 664 -7.45 -13.95 -18.34
N SER A 665 -7.99 -14.37 -17.19
CA SER A 665 -9.20 -15.18 -17.20
C SER A 665 -10.37 -14.23 -17.41
N SER A 666 -11.56 -14.79 -17.63
CA SER A 666 -12.74 -13.98 -17.93
C SER A 666 -13.33 -13.30 -16.69
N ASP A 667 -12.96 -13.80 -15.51
CA ASP A 667 -13.62 -13.44 -14.26
C ASP A 667 -12.90 -12.35 -13.46
N ASN A 668 -11.65 -12.08 -13.80
CA ASN A 668 -10.83 -11.12 -13.06
C ASN A 668 -9.73 -10.52 -13.91
N ASP A 669 -8.99 -9.59 -13.33
CA ASP A 669 -7.89 -8.90 -14.01
C ASP A 669 -6.54 -9.23 -13.38
N ASN A 670 -6.44 -10.40 -12.76
CA ASN A 670 -5.24 -10.79 -12.02
C ASN A 670 -3.94 -10.73 -12.80
N PHE A 671 -3.96 -11.22 -14.05
CA PHE A 671 -2.73 -11.19 -14.84
C PHE A 671 -2.28 -9.76 -15.15
N ARG A 672 -3.21 -8.91 -15.56
CA ARG A 672 -2.89 -7.50 -15.81
C ARG A 672 -2.39 -6.83 -14.53
N ILE A 673 -3.05 -7.11 -13.42
CA ILE A 673 -2.67 -6.52 -12.13
C ILE A 673 -1.23 -6.91 -11.74
N ARG A 674 -0.91 -8.18 -11.87
CA ARG A 674 0.43 -8.68 -11.56
C ARG A 674 1.49 -8.11 -12.50
N ARG A 675 1.17 -8.04 -13.80
CA ARG A 675 2.06 -7.43 -14.79
C ARG A 675 2.38 -5.99 -14.44
N TYR A 676 1.36 -5.21 -14.09
CA TYR A 676 1.55 -3.80 -13.78
C TYR A 676 2.24 -3.54 -12.45
N ILE A 677 1.92 -4.29 -11.40
CA ILE A 677 2.59 -4.06 -10.12
C ILE A 677 4.09 -4.37 -10.20
N ALA A 678 4.46 -5.32 -11.05
CA ALA A 678 5.86 -5.64 -11.31
C ALA A 678 6.66 -4.41 -11.80
N LYS A 679 5.98 -3.50 -12.49
CA LYS A 679 6.63 -2.33 -13.09
C LYS A 679 7.21 -1.35 -12.07
N TYR A 680 6.63 -1.30 -10.87
CA TYR A 680 7.14 -0.40 -9.84
C TYR A 680 7.62 -1.11 -8.57
N THR A 681 7.70 -2.44 -8.62
CA THR A 681 8.21 -3.21 -7.48
C THR A 681 9.43 -4.04 -7.85
N ILE A 682 9.21 -5.23 -8.41
CA ILE A 682 10.30 -6.18 -8.63
C ILE A 682 11.27 -5.77 -9.74
N ASN A 683 10.74 -5.24 -10.84
CA ASN A 683 11.59 -4.94 -12.01
C ASN A 683 12.62 -3.82 -11.79
N PRO A 684 12.24 -2.72 -11.09
CA PRO A 684 13.29 -1.76 -10.74
C PRO A 684 14.40 -2.37 -9.89
N ALA A 685 14.04 -3.30 -9.00
CA ALA A 685 15.02 -3.97 -8.13
C ALA A 685 15.94 -4.91 -8.91
N ILE A 686 15.37 -5.66 -9.86
CA ILE A 686 16.17 -6.54 -10.73
C ILE A 686 17.11 -5.71 -11.61
N ALA A 687 16.57 -4.68 -12.24
CA ALA A 687 17.35 -3.84 -13.15
C ALA A 687 18.55 -3.20 -12.47
N ASN A 688 18.39 -2.79 -11.21
CA ASN A 688 19.44 -2.10 -10.47
C ASN A 688 20.29 -2.98 -9.55
N GLY A 689 19.91 -4.25 -9.41
CA GLY A 689 20.76 -5.23 -8.76
C GLY A 689 20.64 -5.39 -7.27
N PHE A 690 19.43 -5.18 -6.75
CA PHE A 690 19.17 -5.37 -5.31
C PHE A 690 17.87 -6.13 -5.03
N SER A 691 17.48 -6.99 -5.97
CA SER A 691 16.21 -7.72 -5.86
C SER A 691 16.17 -8.76 -4.73
N GLN A 692 17.32 -9.13 -4.17
CA GLN A 692 17.30 -10.05 -3.03
C GLN A 692 16.86 -9.35 -1.74
N TYR A 693 16.92 -8.01 -1.72
CA TYR A 693 16.60 -7.23 -0.52
C TYR A 693 15.18 -6.68 -0.50
N VAL A 694 14.71 -6.22 -1.65
CA VAL A 694 13.42 -5.51 -1.75
C VAL A 694 12.70 -5.87 -3.05
N GLY A 695 11.53 -5.27 -3.26
CA GLY A 695 10.85 -5.37 -4.55
C GLY A 695 9.67 -6.33 -4.62
N SER A 696 9.45 -7.12 -3.57
CA SER A 696 8.30 -8.03 -3.54
C SER A 696 7.98 -8.50 -2.12
N VAL A 697 6.75 -8.96 -1.92
CA VAL A 697 6.33 -9.53 -0.64
C VAL A 697 6.72 -11.01 -0.61
N GLU A 698 7.96 -11.26 -0.23
CA GLU A 698 8.52 -12.62 -0.20
C GLU A 698 9.42 -12.78 1.02
N VAL A 699 9.44 -14.01 1.54
CA VAL A 699 10.19 -14.32 2.76
C VAL A 699 11.68 -14.06 2.58
N GLY A 700 12.29 -13.43 3.57
CA GLY A 700 13.72 -13.16 3.57
C GLY A 700 14.08 -11.73 3.19
N LYS A 701 13.15 -11.06 2.52
CA LYS A 701 13.37 -9.68 2.09
C LYS A 701 13.00 -8.69 3.19
N LEU A 702 13.43 -7.43 3.04
CA LEU A 702 13.06 -6.39 3.97
CA LEU A 702 13.06 -6.35 3.95
C LEU A 702 11.55 -6.20 4.04
N ALA A 703 11.05 -5.98 5.26
CA ALA A 703 9.63 -5.75 5.46
C ALA A 703 9.28 -4.28 5.14
N ASP A 704 9.48 -3.92 3.87
CA ASP A 704 9.04 -2.63 3.34
C ASP A 704 7.66 -2.89 2.74
N LEU A 705 6.63 -2.46 3.46
CA LEU A 705 5.25 -2.87 3.14
C LEU A 705 4.31 -1.69 3.26
N VAL A 706 3.29 -1.68 2.41
CA VAL A 706 2.32 -0.58 2.37
C VAL A 706 0.91 -1.12 2.55
N MET A 707 0.15 -0.51 3.47
CA MET A 707 -1.23 -0.90 3.77
C MET A 707 -2.20 0.02 3.05
N TRP A 708 -3.17 -0.56 2.34
CA TRP A 708 -4.16 0.20 1.57
C TRP A 708 -5.58 -0.21 1.91
N LYS A 709 -6.47 0.77 2.09
CA LYS A 709 -7.92 0.51 1.98
C LYS A 709 -8.23 0.27 0.50
N PRO A 710 -9.01 -0.79 0.19
CA PRO A 710 -9.34 -1.02 -1.23
C PRO A 710 -9.94 0.20 -1.92
N SER A 711 -10.75 0.98 -1.21
CA SER A 711 -11.38 2.17 -1.77
C SER A 711 -10.38 3.27 -2.14
N PHE A 712 -9.20 3.24 -1.51
CA PHE A 712 -8.14 4.22 -1.79
C PHE A 712 -6.89 3.58 -2.41
N PHE A 713 -7.01 2.34 -2.88
CA PHE A 713 -5.86 1.66 -3.50
C PHE A 713 -5.33 2.42 -4.71
N GLY A 714 -4.02 2.62 -4.74
CA GLY A 714 -3.39 3.28 -5.86
C GLY A 714 -3.35 4.80 -5.77
N THR A 715 -3.93 5.38 -4.73
CA THR A 715 -3.87 6.83 -4.51
CA THR A 715 -3.87 6.83 -4.52
C THR A 715 -3.23 7.21 -3.17
N LYS A 716 -3.90 6.86 -2.08
CA LYS A 716 -3.50 7.31 -0.75
C LYS A 716 -3.46 6.14 0.24
N PRO A 717 -2.26 5.63 0.54
CA PRO A 717 -2.16 4.51 1.48
C PRO A 717 -2.48 4.90 2.92
N GLU A 718 -2.72 3.90 3.76
CA GLU A 718 -2.97 4.09 5.19
C GLU A 718 -1.69 4.24 6.00
N MET A 719 -0.70 3.41 5.64
CA MET A 719 0.45 3.17 6.49
C MET A 719 1.60 2.66 5.63
N VAL A 720 2.80 3.20 5.86
CA VAL A 720 4.01 2.77 5.19
C VAL A 720 4.96 2.19 6.25
N ILE A 721 5.23 0.89 6.10
CA ILE A 721 6.10 0.16 7.02
C ILE A 721 7.48 0.03 6.37
N LYS A 722 8.51 0.46 7.09
CA LYS A 722 9.89 0.41 6.60
C LYS A 722 10.73 -0.48 7.50
N GLY A 723 11.28 -1.55 6.93
CA GLY A 723 12.06 -2.51 7.72
C GLY A 723 11.34 -2.97 8.98
N GLY A 724 10.02 -3.18 8.86
CA GLY A 724 9.21 -3.70 9.97
C GLY A 724 8.68 -2.71 10.99
N MET A 725 8.98 -1.42 10.82
CA MET A 725 8.48 -0.37 11.73
C MET A 725 7.70 0.67 10.94
N VAL A 726 6.61 1.16 11.50
CA VAL A 726 5.83 2.20 10.80
C VAL A 726 6.67 3.46 10.62
N ALA A 727 6.80 3.90 9.37
CA ALA A 727 7.59 5.08 9.03
C ALA A 727 6.73 6.32 8.80
N TRP A 728 5.62 6.14 8.09
CA TRP A 728 4.65 7.19 7.80
C TRP A 728 3.27 6.58 7.86
N ALA A 729 2.28 7.38 8.26
CA ALA A 729 0.90 6.89 8.36
C ALA A 729 -0.11 8.02 8.45
N ASP A 730 -1.35 7.74 8.05
CA ASP A 730 -2.49 8.63 8.29
C ASP A 730 -2.75 8.71 9.78
N ILE A 731 -2.73 9.93 10.31
CA ILE A 731 -3.07 10.16 11.71
C ILE A 731 -3.82 11.49 11.81
N GLY A 732 -4.83 11.51 12.68
CA GLY A 732 -5.61 12.72 12.91
C GLY A 732 -5.03 13.59 14.02
N ASP A 733 -5.90 14.43 14.56
CA ASP A 733 -5.62 15.37 15.66
C ASP A 733 -4.78 14.73 16.78
N PRO A 734 -3.52 15.17 16.97
CA PRO A 734 -2.64 14.60 17.99
C PRO A 734 -3.15 14.72 19.43
N ASN A 735 -4.01 15.72 19.69
CA ASN A 735 -4.60 15.91 21.02
C ASN A 735 -5.85 15.06 21.22
N ALA A 736 -6.36 14.45 20.15
CA ALA A 736 -7.67 13.78 20.22
C ALA A 736 -7.68 12.52 21.07
N SER A 737 -8.89 12.13 21.50
CA SER A 737 -9.10 10.95 22.33
C SER A 737 -8.78 9.65 21.59
N ILE A 738 -8.86 9.70 20.26
CA ILE A 738 -8.60 8.56 19.37
C ILE A 738 -7.77 9.05 18.16
N PRO A 739 -7.25 8.13 17.32
CA PRO A 739 -6.32 8.58 16.27
C PRO A 739 -6.97 9.10 14.98
N THR A 740 -8.30 9.07 14.92
CA THR A 740 -9.03 9.30 13.67
C THR A 740 -9.74 10.65 13.46
N PRO A 741 -9.95 11.46 14.52
CA PRO A 741 -10.62 12.75 14.30
C PRO A 741 -9.80 13.74 13.46
N GLU A 742 -10.49 14.59 12.71
CA GLU A 742 -9.87 15.51 11.75
C GLU A 742 -8.95 16.55 12.40
N PRO A 743 -7.94 17.02 11.67
CA PRO A 743 -7.61 16.66 10.28
C PRO A 743 -6.73 15.42 10.17
N VAL A 744 -7.16 14.46 9.36
CA VAL A 744 -6.37 13.28 9.07
C VAL A 744 -5.42 13.59 7.90
N LYS A 745 -4.13 13.45 8.18
CA LYS A 745 -3.06 13.72 7.21
C LYS A 745 -2.06 12.59 7.22
N MET A 746 -1.38 12.38 6.09
CA MET A 746 -0.18 11.55 6.07
C MET A 746 0.94 12.23 6.83
N ARG A 747 1.44 11.56 7.87
CA ARG A 747 2.42 12.15 8.78
C ARG A 747 3.61 11.23 9.05
N PRO A 748 4.78 11.81 9.35
CA PRO A 748 5.93 10.97 9.71
C PRO A 748 5.73 10.32 11.08
N MET A 749 6.14 9.06 11.20
CA MET A 749 5.99 8.32 12.44
C MET A 749 7.34 8.10 13.12
N TYR A 750 7.42 7.19 14.08
CA TYR A 750 8.64 7.02 14.89
C TYR A 750 9.85 6.55 14.07
N GLY A 751 9.61 5.93 12.93
CA GLY A 751 10.67 5.53 12.01
C GLY A 751 11.43 6.68 11.37
N THR A 752 10.98 7.91 11.59
CA THR A 752 11.63 9.12 11.03
C THR A 752 12.45 9.90 12.05
N LEU A 753 12.41 9.49 13.32
CA LEU A 753 13.04 10.27 14.39
C LEU A 753 14.37 9.68 14.83
N GLY A 754 15.24 10.53 15.38
CA GLY A 754 16.58 10.10 15.80
C GLY A 754 17.30 9.44 14.63
N LYS A 755 18.00 8.35 14.90
CA LYS A 755 18.66 7.58 13.86
C LYS A 755 17.88 6.33 13.47
N ALA A 756 16.61 6.26 13.87
CA ALA A 756 15.76 5.10 13.59
C ALA A 756 15.70 4.77 12.09
N GLY A 757 15.59 5.80 11.25
CA GLY A 757 15.50 5.61 9.79
C GLY A 757 16.63 4.80 9.18
N GLY A 758 17.84 5.02 9.68
CA GLY A 758 19.01 4.28 9.23
C GLY A 758 18.95 2.82 9.61
N ALA A 759 18.43 2.55 10.81
CA ALA A 759 18.31 1.17 11.30
C ALA A 759 17.32 0.35 10.47
N LEU A 760 16.42 1.04 9.77
CA LEU A 760 15.34 0.38 9.04
C LEU A 760 15.59 0.25 7.54
N SER A 761 16.75 0.73 7.07
CA SER A 761 16.97 0.93 5.64
C SER A 761 18.36 0.53 5.16
N ILE A 762 18.53 0.58 3.83
CA ILE A 762 19.80 0.25 3.17
C ILE A 762 20.19 1.34 2.19
N ALA A 763 21.46 1.73 2.21
CA ALA A 763 22.05 2.53 1.14
C ALA A 763 22.77 1.57 0.20
N PHE A 764 22.31 1.52 -1.05
CA PHE A 764 22.90 0.63 -2.05
C PHE A 764 24.08 1.32 -2.71
N VAL A 765 25.21 0.61 -2.76
CA VAL A 765 26.46 1.12 -3.34
C VAL A 765 27.06 0.07 -4.28
N SER A 766 28.14 0.41 -4.96
CA SER A 766 28.87 -0.55 -5.78
C SER A 766 29.70 -1.48 -4.91
N LYS A 767 30.07 -2.64 -5.46
CA LYS A 767 31.02 -3.52 -4.76
C LYS A 767 32.34 -2.80 -4.45
N ALA A 768 32.84 -2.02 -5.41
CA ALA A 768 34.08 -1.27 -5.21
C ALA A 768 34.01 -0.38 -3.98
N ALA A 769 32.86 0.29 -3.81
CA ALA A 769 32.64 1.15 -2.65
C ALA A 769 32.59 0.35 -1.35
N LEU A 770 31.89 -0.78 -1.38
CA LEU A 770 31.77 -1.63 -0.19
C LEU A 770 33.11 -2.28 0.18
N ASP A 771 33.91 -2.61 -0.83
CA ASP A 771 35.24 -3.17 -0.61
C ASP A 771 36.15 -2.26 0.22
N GLN A 772 35.91 -0.96 0.12
CA GLN A 772 36.64 -0.01 0.93
CA GLN A 772 36.70 0.02 0.90
C GLN A 772 35.92 0.53 2.15
N ARG A 773 34.81 -0.15 2.43
CA ARG A 773 33.97 0.17 3.59
C ARG A 773 33.56 1.65 3.63
N VAL A 774 32.92 2.12 2.55
CA VAL A 774 32.48 3.53 2.47
C VAL A 774 31.57 3.94 3.63
N ASN A 775 30.80 3.00 4.18
CA ASN A 775 29.94 3.32 5.32
C ASN A 775 30.76 3.72 6.55
N VAL A 776 31.89 3.06 6.75
CA VAL A 776 32.80 3.41 7.84
C VAL A 776 33.48 4.75 7.56
N LEU A 777 34.00 4.91 6.34
CA LEU A 777 34.63 6.17 5.93
C LEU A 777 33.71 7.36 6.13
N TYR A 778 32.44 7.21 5.75
CA TYR A 778 31.49 8.32 5.78
C TYR A 778 30.69 8.43 7.08
N GLY A 779 30.93 7.48 8.00
CA GLY A 779 30.23 7.46 9.29
C GLY A 779 28.71 7.29 9.17
N LEU A 780 28.30 6.41 8.26
CA LEU A 780 26.88 6.15 8.03
C LEU A 780 26.34 5.16 9.06
N ASN A 781 25.14 5.43 9.55
CA ASN A 781 24.37 4.53 10.44
CA ASN A 781 24.49 4.47 10.42
C ASN A 781 23.54 3.54 9.64
N LYS A 782 23.11 3.97 8.44
CA LYS A 782 22.29 3.14 7.58
C LYS A 782 23.12 1.95 7.08
N ARG A 783 22.51 0.77 7.03
CA ARG A 783 23.18 -0.40 6.47
C ARG A 783 23.55 -0.14 5.02
N VAL A 784 24.70 -0.65 4.60
CA VAL A 784 25.11 -0.56 3.20
CA VAL A 784 25.16 -0.55 3.23
C VAL A 784 25.26 -1.96 2.61
N GLU A 785 24.77 -2.11 1.37
CA GLU A 785 24.93 -3.37 0.63
C GLU A 785 25.31 -3.07 -0.81
N ALA A 786 26.09 -3.96 -1.41
CA ALA A 786 26.52 -3.80 -2.79
C ALA A 786 25.48 -4.31 -3.79
N VAL A 787 25.26 -3.56 -4.86
CA VAL A 787 24.43 -4.05 -5.97
C VAL A 787 25.22 -5.12 -6.71
N SER A 788 24.50 -6.04 -7.36
CA SER A 788 25.13 -7.16 -8.05
C SER A 788 24.22 -7.78 -9.09
N ASN A 789 24.81 -8.57 -9.99
CA ASN A 789 24.09 -9.39 -10.96
C ASN A 789 23.24 -8.59 -11.94
N VAL A 790 23.87 -7.59 -12.55
CA VAL A 790 23.17 -6.72 -13.49
C VAL A 790 23.75 -6.72 -14.91
N ARG A 791 24.85 -7.43 -15.11
CA ARG A 791 25.53 -7.43 -16.42
C ARG A 791 25.16 -8.61 -17.33
N LYS A 792 24.35 -9.55 -16.84
CA LYS A 792 23.89 -10.66 -17.68
C LYS A 792 22.38 -10.63 -17.88
N LEU A 793 21.76 -9.50 -17.56
CA LEU A 793 20.32 -9.34 -17.69
C LEU A 793 19.88 -9.05 -19.12
N THR A 794 18.73 -9.61 -19.49
CA THR A 794 18.06 -9.26 -20.74
C THR A 794 16.60 -8.92 -20.43
N LYS A 795 15.86 -8.49 -21.46
CA LYS A 795 14.44 -8.22 -21.36
C LYS A 795 13.68 -9.41 -20.77
N LEU A 796 14.19 -10.62 -21.02
CA LEU A 796 13.56 -11.85 -20.54
C LEU A 796 13.58 -11.98 -19.02
N ASP A 797 14.44 -11.21 -18.37
CA ASP A 797 14.55 -11.21 -16.91
C ASP A 797 13.61 -10.20 -16.24
N MET A 798 12.86 -9.45 -17.04
CA MET A 798 11.88 -8.52 -16.50
C MET A 798 10.57 -9.27 -16.27
N LYS A 799 10.22 -9.47 -15.00
CA LYS A 799 9.08 -10.28 -14.60
C LYS A 799 7.78 -9.78 -15.21
N LEU A 800 7.11 -10.66 -15.96
CA LEU A 800 5.80 -10.40 -16.58
C LEU A 800 5.81 -9.24 -17.57
N ASN A 801 7.00 -8.80 -17.96
CA ASN A 801 7.18 -7.66 -18.87
C ASN A 801 8.39 -7.96 -19.76
N ASP A 802 8.31 -9.09 -20.45
CA ASP A 802 9.45 -9.66 -21.17
C ASP A 802 9.24 -9.71 -22.69
N ALA A 803 8.28 -8.92 -23.17
CA ALA A 803 7.93 -8.93 -24.60
C ALA A 803 8.98 -8.22 -25.44
N LEU A 804 9.27 -8.81 -26.61
CA LEU A 804 10.24 -8.24 -27.55
C LEU A 804 9.67 -8.08 -28.97
N PRO A 805 8.66 -7.22 -29.15
CA PRO A 805 8.11 -7.01 -30.48
C PRO A 805 9.11 -6.28 -31.39
N GLU A 806 9.08 -6.57 -32.69
CA GLU A 806 9.86 -5.79 -33.65
C GLU A 806 9.17 -4.46 -33.86
N ILE A 807 9.82 -3.38 -33.42
CA ILE A 807 9.22 -2.05 -33.48
CA ILE A 807 9.24 -2.04 -33.47
C ILE A 807 9.75 -1.24 -34.67
N THR A 808 8.82 -0.71 -35.46
CA THR A 808 9.15 0.21 -36.54
C THR A 808 8.45 1.55 -36.31
N VAL A 809 9.11 2.64 -36.68
CA VAL A 809 8.54 3.98 -36.57
C VAL A 809 8.75 4.68 -37.90
N ASP A 810 7.64 5.07 -38.54
CA ASP A 810 7.72 5.84 -39.79
C ASP A 810 8.36 7.19 -39.50
N PRO A 811 9.48 7.50 -40.19
CA PRO A 811 10.22 8.75 -39.90
C PRO A 811 9.43 10.02 -40.25
N GLU A 812 8.50 9.93 -41.19
CA GLU A 812 7.69 11.09 -41.59
C GLU A 812 6.41 11.26 -40.77
N SER A 813 5.66 10.16 -40.61
CA SER A 813 4.34 10.21 -39.98
C SER A 813 4.37 9.83 -38.49
N TYR A 814 5.46 9.21 -38.05
CA TYR A 814 5.65 8.72 -36.68
C TYR A 814 4.78 7.51 -36.32
N THR A 815 4.14 6.91 -37.32
CA THR A 815 3.34 5.71 -37.10
C THR A 815 4.19 4.59 -36.50
N VAL A 816 3.74 4.02 -35.39
CA VAL A 816 4.46 2.95 -34.71
C VAL A 816 3.77 1.61 -34.95
N LYS A 817 4.56 0.61 -35.31
CA LYS A 817 4.07 -0.75 -35.51
C LYS A 817 4.87 -1.73 -34.66
N ALA A 818 4.19 -2.76 -34.16
CA ALA A 818 4.84 -3.87 -33.46
C ALA A 818 4.57 -5.14 -34.25
N ASP A 819 5.66 -5.80 -34.66
CA ASP A 819 5.59 -7.00 -35.51
C ASP A 819 4.70 -6.78 -36.74
N GLY A 820 4.76 -5.56 -37.29
CA GLY A 820 4.00 -5.20 -38.49
C GLY A 820 2.56 -4.74 -38.24
N LYS A 821 2.14 -4.73 -36.98
CA LYS A 821 0.77 -4.34 -36.62
C LYS A 821 0.72 -2.97 -35.95
N LEU A 822 -0.28 -2.18 -36.33
CA LEU A 822 -0.45 -0.81 -35.81
C LEU A 822 -0.67 -0.78 -34.29
N LEU A 823 0.10 0.07 -33.62
CA LEU A 823 -0.05 0.28 -32.17
C LEU A 823 -0.77 1.60 -31.92
N CYS A 824 -2.09 1.53 -31.80
CA CYS A 824 -2.86 2.74 -31.54
C CYS A 824 -3.98 2.60 -30.51
N VAL A 825 -4.12 3.64 -29.72
CA VAL A 825 -5.21 3.77 -28.76
CA VAL A 825 -5.18 3.77 -28.72
C VAL A 825 -5.66 5.22 -28.71
N SER A 826 -6.97 5.42 -28.50
CA SER A 826 -7.53 6.77 -28.43
C SER A 826 -7.08 7.50 -27.17
N GLU A 827 -7.23 8.82 -27.15
CA GLU A 827 -7.04 9.62 -25.95
C GLU A 827 -8.16 9.32 -24.97
N ALA A 828 -7.82 9.23 -23.70
CA ALA A 828 -8.82 9.13 -22.64
C ALA A 828 -9.22 10.53 -22.19
N THR A 829 -10.50 10.75 -21.98
CA THR A 829 -10.99 12.06 -21.52
C THR A 829 -10.93 12.19 -20.00
N THR A 830 -10.99 11.05 -19.30
CA THR A 830 -10.86 11.03 -17.84
C THR A 830 -9.95 9.90 -17.39
N VAL A 831 -9.46 10.00 -16.16
CA VAL A 831 -8.76 8.90 -15.49
C VAL A 831 -9.33 8.71 -14.09
N PRO A 832 -9.28 7.47 -13.56
CA PRO A 832 -9.65 7.25 -12.16
C PRO A 832 -8.52 7.73 -11.26
N LEU A 833 -8.64 7.49 -9.95
CA LEU A 833 -7.58 7.84 -9.00
C LEU A 833 -7.20 9.33 -9.11
N SER A 834 -8.21 10.18 -9.27
CA SER A 834 -8.00 11.62 -9.46
C SER A 834 -9.07 12.47 -8.75
N ARG A 835 -10.15 12.79 -9.48
CA ARG A 835 -11.19 13.70 -8.99
CA ARG A 835 -11.20 13.70 -9.00
C ARG A 835 -11.90 13.23 -7.71
N ASN A 836 -12.00 11.91 -7.52
CA ASN A 836 -12.62 11.39 -6.30
C ASN A 836 -11.81 11.63 -5.02
N TYR A 837 -10.54 11.98 -5.17
CA TYR A 837 -9.60 11.91 -4.04
C TYR A 837 -8.89 13.21 -3.67
N PHE A 838 -8.60 14.06 -4.66
CA PHE A 838 -7.71 15.19 -4.42
C PHE A 838 -8.37 16.53 -4.20
N LEU A 839 -7.87 17.26 -3.20
CA LEU A 839 -8.41 18.55 -2.82
C LEU A 839 -8.13 19.62 -3.88
N PHE A 840 -7.01 19.47 -4.58
CA PHE A 840 -6.62 20.38 -5.66
C PHE A 840 -6.11 19.59 -6.85
NI NI B . 15.31 12.36 -15.86
NI NI C . 16.02 12.09 -19.35
C1 EDO D . -24.15 33.32 7.96
O1 EDO D . -23.33 32.34 7.29
C2 EDO D . -23.67 33.45 9.40
O2 EDO D . -23.94 32.23 10.11
C1 EDO E . -12.65 9.63 10.67
O1 EDO E . -11.24 9.70 10.45
C2 EDO E . -13.35 10.53 9.66
O2 EDO E . -13.31 11.89 10.13
C1 EDO F . -26.91 -25.42 19.91
O1 EDO F . -27.47 -24.64 18.84
C2 EDO F . -26.16 -24.51 20.87
O2 EDO F . -25.31 -23.63 20.14
C1 EDO G . -9.80 21.07 20.38
O1 EDO G . -9.08 21.44 19.19
C2 EDO G . -8.80 20.80 21.50
O2 EDO G . -8.27 22.04 21.99
C1 EDO H . -17.38 11.13 -10.76
O1 EDO H . -18.24 10.04 -10.40
C2 EDO H . -15.98 10.61 -11.04
O2 EDO H . -15.03 11.51 -10.50
C1 EDO I . 1.59 -27.33 15.01
O1 EDO I . 2.19 -27.11 13.74
C2 EDO I . 0.09 -27.05 14.92
O2 EDO I . -0.14 -25.70 14.51
C1 EDO J . 31.99 3.66 -30.05
O1 EDO J . 31.84 2.26 -30.31
C2 EDO J . 32.90 4.28 -31.09
O2 EDO J . 32.42 3.95 -32.40
C1 EDO K . 16.90 -3.67 8.62
O1 EDO K . 17.50 -4.97 8.52
C2 EDO K . 15.43 -3.78 8.98
O2 EDO K . 15.15 -2.97 10.12
C1 EDO L . 5.42 -15.64 -1.44
O1 EDO L . 4.07 -15.56 -1.00
C2 EDO L . 5.48 -15.50 -2.95
O2 EDO L . 4.79 -16.60 -3.56
C1 EDO M . -13.03 -4.35 7.35
O1 EDO M . -13.34 -5.43 6.46
C2 EDO M . -12.34 -4.88 8.59
O2 EDO M . -12.05 -3.80 9.49
C1 EDO N . -20.35 24.42 -10.55
O1 EDO N . -19.33 23.54 -11.04
C2 EDO N . -20.46 25.62 -11.48
O2 EDO N . -19.19 26.28 -11.57
C1 EDO O . -5.86 21.23 6.30
O1 EDO O . -5.99 20.34 7.41
C2 EDO O . -4.39 21.40 5.95
O2 EDO O . -3.77 22.28 6.89
C1 EDO P . -15.00 -10.33 15.42
O1 EDO P . -15.87 -9.20 15.46
C2 EDO P . -13.91 -10.11 14.38
O2 EDO P . -13.16 -8.95 14.72
C1 EDO Q . 42.75 6.26 -6.55
O1 EDO Q . 41.57 5.58 -7.03
C2 EDO Q . 42.71 6.34 -5.04
O2 EDO Q . 42.08 7.56 -4.63
C1 EDO R . 35.71 5.20 -25.60
O1 EDO R . 34.68 4.47 -26.30
C2 EDO R . 36.93 4.31 -25.42
O2 EDO R . 37.34 4.35 -24.03
C1 EDO S . -34.34 30.35 -6.46
O1 EDO S . -34.54 28.99 -6.86
C2 EDO S . -34.05 31.21 -7.69
O2 EDO S . -32.66 31.09 -8.02
C1 EDO T . -33.17 20.16 2.38
O1 EDO T . -33.06 21.46 1.82
C2 EDO T . -34.22 20.13 3.48
O2 EDO T . -33.60 19.97 4.75
C1 EDO U . 7.97 16.15 6.74
O1 EDO U . 8.40 15.75 8.05
C2 EDO U . 7.82 17.66 6.69
O2 EDO U . 9.08 18.27 7.05
C1 EDO V . -17.02 -5.97 22.53
O1 EDO V . -16.31 -4.80 22.11
C2 EDO V . -16.59 -6.34 23.95
O2 EDO V . -15.25 -6.84 23.93
C1 EDO W . 1.24 -32.49 22.98
O1 EDO W . -0.07 -33.07 22.97
C2 EDO W . 1.84 -32.64 24.37
O2 EDO W . 2.57 -31.44 24.69
C1 EDO X . 27.30 -4.90 4.82
O1 EDO X . 27.63 -5.87 3.81
C2 EDO X . 28.46 -3.94 5.02
O2 EDO X . 28.41 -3.32 6.32
C1 EDO Y . 11.12 -16.93 14.19
O1 EDO Y . 11.23 -18.25 13.64
C2 EDO Y . 9.89 -16.21 13.63
O2 EDO Y . 9.88 -16.28 12.20
C1 EDO Z . 1.72 6.28 -42.69
O1 EDO Z . 0.54 6.92 -42.18
C2 EDO Z . 1.82 4.88 -42.10
O2 EDO Z . 3.20 4.51 -41.97
C1 EDO AA . 17.88 21.28 -20.86
O1 EDO AA . 19.05 20.99 -20.09
C2 EDO AA . 18.25 21.54 -22.31
O2 EDO AA . 18.45 22.94 -22.54
C1 EDO BA . 36.81 -6.39 -16.52
O1 EDO BA . 35.46 -6.41 -17.02
C2 EDO BA . 37.21 -7.78 -16.06
O2 EDO BA . 37.51 -7.76 -14.66
C1 EDO CA . 22.94 -9.51 -23.06
O1 EDO CA . 23.87 -10.21 -23.89
C2 EDO CA . 23.53 -9.32 -21.67
O2 EDO CA . 23.84 -10.60 -21.11
C1 HAE DA . 14.42 15.88 -18.53
C2 HAE DA . 15.00 14.50 -18.54
O2 HAE DA . 16.02 14.24 -19.17
N HAE DA . 14.34 13.59 -17.84
O HAE DA . 14.73 12.26 -17.88
C1 EDO EA . 6.11 -2.28 14.80
O1 EDO EA . 7.52 -2.24 14.55
C2 EDO EA . 5.39 -1.21 13.98
O2 EDO EA . 5.99 0.09 14.20
C1 EDO FA . -14.84 1.06 -18.33
O1 EDO FA . -14.06 -0.14 -18.24
C2 EDO FA . -14.05 2.21 -17.73
O2 EDO FA . -14.54 2.49 -16.41
C1 EDO GA . -10.48 -35.56 27.44
O1 EDO GA . -10.10 -35.15 26.12
C2 EDO GA . -9.24 -35.97 28.22
O2 EDO GA . -8.80 -37.26 27.80
#